data_1KAH
#
_entry.id   1KAH
#
_cell.length_a   55.260
_cell.length_b   109.090
_cell.length_c   157.940
_cell.angle_alpha   90.00
_cell.angle_beta   90.00
_cell.angle_gamma   90.00
#
_symmetry.space_group_name_H-M   'P 21 21 21'
#
loop_
_entity.id
_entity.type
_entity.pdbx_description
1 polymer 'Histidinol dehydrogenase'
2 non-polymer 'ZINC ION'
3 non-polymer HISTIDINE
#
_entity_poly.entity_id   1
_entity_poly.type   'polypeptide(L)'
_entity_poly.pdbx_seq_one_letter_code
;(MSE)SFNTIIDWNSCTAEQQRQLL(MSE)RPAISASESITRTVNDILDNVKARGDEALREYSAKFDKTTVTALKVSAEE
IAAASERLSDELKQA(MSE)AVAVKNIETFHTAQKLPPVDVETQPGVRCQQVTRPVASVGLYIPGGSAPLFSTVL(MSE)
LATPASIAGCKKVVLCSPPPIADEILYAAQLCGVQDVFNVGGAQAIAALAFGTESVPKVDKIFGPGNAFVTEAKRQVSQR
LDGAAID(MSE)PAGPSEVLVIADSGATPDFVASDLLSQAEHGPDSQVILLTPAAD(MSE)ARRVAEAVERQLAELPRAE
TARQALNASRLIVTKDLAQCVEISNQYGPEHLIIQTRNARELVDSITSAGSVFLGDWSPESAGDYASGTNHVLPTYGYTA
TCSSLGLADFQKR(MSE)TVQELSKEGFSALASTIETLAAAERLTAHKNAVTLRVNALKEQA
;
_entity_poly.pdbx_strand_id   A,B
#
# COMPACT_ATOMS: atom_id res chain seq x y z
N ASN A 4 1.62 38.64 -3.73
CA ASN A 4 0.94 39.31 -2.63
C ASN A 4 -0.55 38.91 -2.61
N THR A 5 -1.44 39.90 -2.72
CA THR A 5 -2.88 39.64 -2.71
C THR A 5 -3.35 38.72 -1.59
N ILE A 6 -3.87 39.32 -0.53
CA ILE A 6 -4.35 38.58 0.64
C ILE A 6 -5.79 38.11 0.46
N ILE A 7 -6.05 36.86 0.79
CA ILE A 7 -7.39 36.28 0.67
C ILE A 7 -8.14 36.27 2.00
N ASP A 8 -9.27 36.95 2.05
CA ASP A 8 -10.07 36.96 3.27
C ASP A 8 -11.09 35.85 3.11
N TRP A 9 -10.69 34.68 3.56
CA TRP A 9 -11.48 33.46 3.48
C TRP A 9 -12.99 33.59 3.60
N ASN A 10 -13.44 34.20 4.69
CA ASN A 10 -14.86 34.33 4.94
C ASN A 10 -15.63 35.33 4.07
N SER A 11 -14.91 36.09 3.25
CA SER A 11 -15.53 37.04 2.33
C SER A 11 -15.66 36.33 0.99
N CYS A 12 -15.31 35.05 0.98
CA CYS A 12 -15.37 34.23 -0.23
C CYS A 12 -16.60 33.37 -0.22
N THR A 13 -17.17 33.15 -1.41
CA THR A 13 -18.35 32.30 -1.54
C THR A 13 -17.86 30.89 -1.23
N ALA A 14 -18.77 30.03 -0.76
CA ALA A 14 -18.39 28.67 -0.44
C ALA A 14 -17.71 28.02 -1.64
N GLU A 15 -18.14 28.38 -2.84
CA GLU A 15 -17.57 27.81 -4.06
C GLU A 15 -16.18 28.37 -4.35
N GLN A 16 -16.06 29.69 -4.33
CA GLN A 16 -14.78 30.34 -4.58
C GLN A 16 -13.73 29.70 -3.69
N GLN A 17 -14.15 29.34 -2.48
CA GLN A 17 -13.25 28.71 -1.52
C GLN A 17 -12.61 27.42 -2.02
N ARG A 18 -13.39 26.38 -2.21
CA ARG A 18 -12.80 25.12 -2.66
C ARG A 18 -12.00 25.31 -3.95
N GLN A 19 -12.33 26.36 -4.71
CA GLN A 19 -11.62 26.62 -5.95
C GLN A 19 -10.22 27.17 -5.63
N LEU A 20 -10.10 27.83 -4.47
CA LEU A 20 -8.83 28.40 -4.04
C LEU A 20 -7.81 27.32 -3.74
N LEU A 21 -8.20 26.31 -2.97
CA LEU A 21 -7.30 25.23 -2.62
C LEU A 21 -7.13 24.17 -3.69
N ARG A 23 -6.21 21.69 -6.48
CA ARG A 23 -4.91 21.40 -7.06
C ARG A 23 -5.03 21.40 -8.56
N PRO A 24 -3.91 21.64 -9.27
CA PRO A 24 -3.91 21.65 -10.73
C PRO A 24 -4.51 20.36 -11.30
N ALA A 25 -4.81 20.36 -12.60
CA ALA A 25 -5.38 19.18 -13.24
C ALA A 25 -4.26 18.26 -13.71
N ILE A 26 -4.59 17.30 -14.56
CA ILE A 26 -3.61 16.34 -15.07
C ILE A 26 -3.46 16.41 -16.58
N SER A 27 -2.24 16.27 -17.06
CA SER A 27 -1.97 16.29 -18.49
C SER A 27 -1.95 14.83 -18.97
N ALA A 28 -0.86 14.14 -18.63
CA ALA A 28 -0.67 12.74 -19.02
C ALA A 28 -0.76 12.54 -20.53
N SER A 29 -0.66 13.65 -21.26
CA SER A 29 -0.74 13.64 -22.72
C SER A 29 -0.37 12.29 -23.33
N GLU A 30 -1.24 11.78 -24.20
CA GLU A 30 -1.02 10.50 -24.87
C GLU A 30 0.36 10.47 -25.52
N SER A 31 0.85 11.66 -25.90
CA SER A 31 2.15 11.78 -26.52
C SER A 31 3.18 10.99 -25.72
N ILE A 32 3.16 11.20 -24.41
CA ILE A 32 4.08 10.54 -23.50
C ILE A 32 3.62 9.15 -23.09
N THR A 33 2.32 8.91 -23.11
CA THR A 33 1.80 7.59 -22.74
C THR A 33 2.32 6.55 -23.73
N ARG A 34 2.40 6.94 -25.00
CA ARG A 34 2.88 6.05 -26.05
C ARG A 34 4.41 5.96 -26.02
N THR A 35 5.04 7.13 -25.94
CA THR A 35 6.49 7.21 -25.89
C THR A 35 7.05 6.34 -24.76
N VAL A 36 6.42 6.40 -23.59
CA VAL A 36 6.86 5.59 -22.47
C VAL A 36 6.52 4.13 -22.70
N ASN A 37 5.45 3.89 -23.46
CA ASN A 37 5.04 2.52 -23.74
C ASN A 37 6.03 1.80 -24.65
N ASP A 38 6.23 2.31 -25.86
CA ASP A 38 7.15 1.64 -26.77
C ASP A 38 8.56 1.56 -26.18
N ILE A 39 8.86 2.42 -25.22
CA ILE A 39 10.16 2.41 -24.55
C ILE A 39 10.30 1.20 -23.65
N LEU A 40 9.22 0.86 -22.94
CA LEU A 40 9.25 -0.29 -22.05
C LEU A 40 9.37 -1.58 -22.88
N ASP A 41 8.48 -1.75 -23.84
CA ASP A 41 8.48 -2.93 -24.71
C ASP A 41 9.88 -3.21 -25.22
N ASN A 42 10.48 -2.18 -25.83
CA ASN A 42 11.82 -2.27 -26.37
C ASN A 42 12.82 -2.80 -25.35
N VAL A 43 12.75 -2.27 -24.13
CA VAL A 43 13.67 -2.69 -23.08
C VAL A 43 13.43 -4.12 -22.64
N LYS A 44 12.17 -4.54 -22.65
CA LYS A 44 11.82 -5.89 -22.23
C LYS A 44 12.26 -6.92 -23.25
N ALA A 45 12.26 -6.54 -24.52
CA ALA A 45 12.63 -7.44 -25.60
C ALA A 45 14.12 -7.41 -25.92
N ARG A 46 14.68 -6.21 -26.05
CA ARG A 46 16.08 -6.06 -26.40
C ARG A 46 17.00 -5.50 -25.32
N GLY A 47 16.70 -5.83 -24.07
CA GLY A 47 17.48 -5.39 -22.92
C GLY A 47 18.55 -4.33 -23.09
N ASP A 48 19.77 -4.64 -22.65
CA ASP A 48 20.90 -3.71 -22.73
C ASP A 48 21.10 -3.03 -24.09
N GLU A 49 20.95 -3.78 -25.18
CA GLU A 49 21.13 -3.18 -26.49
C GLU A 49 20.20 -1.98 -26.62
N ALA A 50 19.01 -2.08 -26.02
CA ALA A 50 18.04 -1.00 -26.05
C ALA A 50 18.54 0.15 -25.19
N LEU A 51 18.93 -0.18 -23.96
CA LEU A 51 19.43 0.82 -23.03
C LEU A 51 20.56 1.66 -23.62
N ARG A 52 21.49 1.01 -24.32
CA ARG A 52 22.62 1.71 -24.91
C ARG A 52 22.18 2.56 -26.11
N GLU A 53 21.05 2.19 -26.71
CA GLU A 53 20.51 2.92 -27.85
C GLU A 53 19.83 4.18 -27.36
N TYR A 54 19.41 4.16 -26.10
CA TYR A 54 18.73 5.29 -25.50
C TYR A 54 19.70 6.27 -24.84
N SER A 55 20.94 5.85 -24.66
CA SER A 55 21.95 6.71 -24.07
C SER A 55 22.38 7.70 -25.13
N ALA A 56 22.62 7.19 -26.35
CA ALA A 56 23.02 8.03 -27.47
C ALA A 56 21.99 9.15 -27.63
N LYS A 57 20.71 8.79 -27.66
CA LYS A 57 19.61 9.74 -27.80
C LYS A 57 19.69 10.82 -26.72
N PHE A 58 19.29 10.46 -25.49
CA PHE A 58 19.33 11.39 -24.38
C PHE A 58 20.71 11.41 -23.72
N ASP A 59 21.36 12.57 -23.75
CA ASP A 59 22.68 12.76 -23.14
C ASP A 59 23.89 12.18 -23.87
N LYS A 60 25.01 12.88 -23.76
CA LYS A 60 26.26 12.46 -24.36
C LYS A 60 26.94 11.55 -23.35
N THR A 61 26.71 10.26 -23.49
CA THR A 61 27.30 9.29 -22.59
C THR A 61 27.63 8.03 -23.37
N THR A 62 26.75 7.69 -24.31
CA THR A 62 26.94 6.49 -25.12
C THR A 62 27.46 5.43 -24.15
N VAL A 63 26.69 5.24 -23.08
CA VAL A 63 27.01 4.31 -22.02
C VAL A 63 27.54 2.97 -22.51
N THR A 64 28.65 2.56 -21.91
CA THR A 64 29.29 1.28 -22.24
C THR A 64 28.90 0.29 -21.15
N ALA A 65 29.62 0.32 -20.02
CA ALA A 65 29.32 -0.55 -18.90
C ALA A 65 28.20 0.12 -18.08
N LEU A 66 27.08 -0.57 -17.95
CA LEU A 66 25.95 -0.04 -17.22
C LEU A 66 26.20 0.08 -15.71
N LYS A 67 26.91 -0.88 -15.14
CA LYS A 67 27.22 -0.87 -13.71
C LYS A 67 28.47 -0.03 -13.40
N VAL A 68 28.33 0.91 -12.47
CA VAL A 68 29.44 1.77 -12.08
C VAL A 68 30.42 0.90 -11.32
N SER A 69 31.70 1.00 -11.66
CA SER A 69 32.71 0.17 -11.01
C SER A 69 32.95 0.56 -9.56
N ALA A 70 33.59 -0.33 -8.81
CA ALA A 70 33.90 -0.07 -7.41
C ALA A 70 35.00 0.99 -7.35
N GLU A 71 35.87 0.98 -8.35
CA GLU A 71 36.97 1.95 -8.43
C GLU A 71 36.40 3.33 -8.74
N GLU A 72 35.40 3.38 -9.62
CA GLU A 72 34.78 4.65 -9.98
C GLU A 72 34.09 5.29 -8.78
N ILE A 73 33.61 4.46 -7.86
CA ILE A 73 32.94 4.93 -6.66
C ILE A 73 33.93 5.42 -5.62
N ALA A 74 35.05 4.72 -5.49
CA ALA A 74 36.08 5.11 -4.53
C ALA A 74 36.71 6.44 -4.91
N ALA A 75 36.83 6.69 -6.21
CA ALA A 75 37.41 7.93 -6.69
C ALA A 75 36.50 9.11 -6.32
N ALA A 76 35.21 8.95 -6.60
CA ALA A 76 34.23 9.98 -6.30
C ALA A 76 34.23 10.29 -4.80
N SER A 77 34.23 9.25 -3.98
CA SER A 77 34.23 9.43 -2.54
C SER A 77 35.40 10.31 -2.06
N GLU A 78 36.57 10.12 -2.66
CA GLU A 78 37.75 10.90 -2.29
C GLU A 78 37.64 12.38 -2.69
N ARG A 79 36.89 12.66 -3.76
CA ARG A 79 36.73 14.04 -4.23
C ARG A 79 35.73 14.88 -3.44
N LEU A 80 35.04 14.26 -2.49
CA LEU A 80 34.08 14.98 -1.66
C LEU A 80 34.76 15.49 -0.39
N SER A 81 34.28 16.61 0.13
CA SER A 81 34.85 17.20 1.33
C SER A 81 34.46 16.42 2.58
N ASP A 82 35.25 16.58 3.63
CA ASP A 82 34.99 15.91 4.90
C ASP A 82 33.72 16.50 5.51
N GLU A 83 33.55 17.80 5.34
CA GLU A 83 32.39 18.50 5.87
C GLU A 83 31.09 17.87 5.37
N LEU A 84 31.03 17.57 4.08
CA LEU A 84 29.85 16.96 3.48
C LEU A 84 29.67 15.52 3.96
N LYS A 85 30.73 14.73 3.82
CA LYS A 85 30.70 13.34 4.25
C LYS A 85 30.20 13.22 5.68
N GLN A 86 30.65 14.16 6.53
CA GLN A 86 30.23 14.16 7.93
C GLN A 86 28.77 14.57 8.05
N ALA A 87 28.35 15.51 7.19
CA ALA A 87 26.96 15.96 7.20
C ALA A 87 26.08 14.75 6.89
N ALA A 89 26.68 11.58 7.33
CA ALA A 89 26.67 10.58 8.40
C ALA A 89 25.67 10.98 9.48
N VAL A 90 25.56 12.28 9.75
CA VAL A 90 24.61 12.75 10.75
C VAL A 90 23.20 12.40 10.27
N ALA A 91 22.91 12.75 9.01
CA ALA A 91 21.63 12.49 8.40
C ALA A 91 21.25 11.01 8.48
N VAL A 92 22.12 10.16 7.94
CA VAL A 92 21.89 8.72 7.96
C VAL A 92 21.69 8.18 9.37
N LYS A 93 22.49 8.62 10.32
CA LYS A 93 22.35 8.15 11.70
C LYS A 93 20.97 8.49 12.24
N ASN A 94 20.52 9.72 12.02
CA ASN A 94 19.20 10.12 12.50
C ASN A 94 18.07 9.41 11.77
N ILE A 95 18.19 9.28 10.45
CA ILE A 95 17.17 8.61 9.65
C ILE A 95 17.07 7.15 10.08
N GLU A 96 18.22 6.53 10.27
CA GLU A 96 18.31 5.14 10.70
C GLU A 96 17.62 4.95 12.05
N THR A 97 17.82 5.90 12.97
CA THR A 97 17.21 5.82 14.29
C THR A 97 15.70 5.95 14.27
N PHE A 98 15.16 6.77 13.37
CA PHE A 98 13.71 6.93 13.32
C PHE A 98 13.02 5.73 12.68
N HIS A 99 13.61 5.21 11.61
CA HIS A 99 13.00 4.08 10.94
C HIS A 99 13.15 2.79 11.71
N THR A 100 14.28 2.61 12.40
CA THR A 100 14.49 1.42 13.20
C THR A 100 13.40 1.36 14.27
N ALA A 101 12.99 2.54 14.75
CA ALA A 101 11.94 2.63 15.77
C ALA A 101 10.57 2.23 15.22
N GLN A 102 10.45 2.17 13.91
CA GLN A 102 9.18 1.80 13.30
C GLN A 102 8.96 0.28 13.24
N LYS A 103 9.99 -0.49 13.58
CA LYS A 103 9.88 -1.94 13.54
C LYS A 103 8.63 -2.41 14.27
N LEU A 104 7.81 -3.21 13.60
CA LEU A 104 6.60 -3.73 14.21
C LEU A 104 6.92 -4.84 15.19
N PRO A 105 6.45 -4.71 16.44
CA PRO A 105 6.72 -5.78 17.40
C PRO A 105 5.88 -6.96 16.91
N PRO A 106 6.39 -8.19 17.02
CA PRO A 106 5.58 -9.33 16.54
C PRO A 106 4.22 -9.54 17.23
N VAL A 107 3.26 -10.02 16.45
CA VAL A 107 1.91 -10.30 16.93
C VAL A 107 1.82 -11.80 17.11
N ASP A 108 1.46 -12.23 18.31
CA ASP A 108 1.40 -13.65 18.61
C ASP A 108 0.36 -13.82 19.71
N VAL A 109 -0.83 -14.27 19.34
CA VAL A 109 -1.90 -14.41 20.29
C VAL A 109 -2.77 -15.62 20.00
N GLU A 110 -3.46 -16.10 21.02
CA GLU A 110 -4.40 -17.20 20.91
C GLU A 110 -5.75 -16.53 21.00
N THR A 111 -6.45 -16.42 19.87
CA THR A 111 -7.76 -15.79 19.91
C THR A 111 -8.65 -16.60 20.83
N GLN A 112 -8.37 -17.91 20.86
CA GLN A 112 -9.07 -18.88 21.71
C GLN A 112 -7.99 -19.85 22.14
N PRO A 113 -8.22 -20.60 23.24
CA PRO A 113 -7.21 -21.56 23.68
C PRO A 113 -6.94 -22.55 22.53
N GLY A 114 -5.68 -22.72 22.16
CA GLY A 114 -5.36 -23.65 21.09
C GLY A 114 -5.50 -23.10 19.68
N VAL A 115 -5.84 -21.81 19.55
CA VAL A 115 -5.97 -21.20 18.22
C VAL A 115 -4.94 -20.06 18.19
N ARG A 116 -3.73 -20.40 17.78
CA ARG A 116 -2.62 -19.45 17.74
C ARG A 116 -2.50 -18.68 16.44
N CYS A 117 -2.67 -17.37 16.52
CA CYS A 117 -2.58 -16.52 15.35
C CYS A 117 -1.44 -15.52 15.47
N GLN A 118 -0.64 -15.42 14.41
CA GLN A 118 0.49 -14.50 14.42
C GLN A 118 0.56 -13.66 13.17
N GLN A 119 1.24 -12.53 13.28
CA GLN A 119 1.48 -11.63 12.18
C GLN A 119 2.98 -11.43 12.21
N VAL A 120 3.66 -11.77 11.13
CA VAL A 120 5.09 -11.60 11.07
C VAL A 120 5.44 -10.74 9.86
N THR A 121 6.67 -10.26 9.82
CA THR A 121 7.09 -9.43 8.71
C THR A 121 8.19 -10.08 7.90
N ARG A 122 8.15 -9.87 6.60
CA ARG A 122 9.15 -10.39 5.68
C ARG A 122 9.58 -9.22 4.82
N PRO A 123 10.86 -9.10 4.51
CA PRO A 123 11.27 -7.97 3.69
C PRO A 123 10.93 -8.16 2.22
N VAL A 124 10.81 -7.05 1.50
CA VAL A 124 10.56 -7.14 0.07
C VAL A 124 11.91 -7.63 -0.45
N ALA A 125 11.90 -8.77 -1.12
CA ALA A 125 13.11 -9.39 -1.64
C ALA A 125 14.11 -8.45 -2.31
N SER A 126 13.71 -7.80 -3.39
CA SER A 126 14.61 -6.89 -4.09
C SER A 126 13.93 -5.59 -4.44
N VAL A 127 14.64 -4.48 -4.23
CA VAL A 127 14.12 -3.16 -4.52
C VAL A 127 15.08 -2.32 -5.35
N GLY A 128 14.52 -1.54 -6.27
CA GLY A 128 15.33 -0.67 -7.10
C GLY A 128 15.03 0.78 -6.79
N LEU A 129 16.08 1.59 -6.62
CA LEU A 129 15.94 3.01 -6.30
C LEU A 129 16.29 3.92 -7.49
N TYR A 130 15.39 4.85 -7.80
CA TYR A 130 15.64 5.78 -8.88
C TYR A 130 16.01 7.17 -8.34
N ILE A 131 17.09 7.73 -8.86
CA ILE A 131 17.57 9.05 -8.45
C ILE A 131 17.76 9.94 -9.68
N PRO A 132 16.99 11.03 -9.79
CA PRO A 132 17.12 11.94 -10.93
C PRO A 132 18.54 12.49 -11.03
N GLY A 133 19.04 12.70 -12.24
CA GLY A 133 20.39 13.21 -12.41
C GLY A 133 20.47 14.73 -12.44
N GLY A 134 21.33 15.25 -13.30
CA GLY A 134 21.49 16.70 -13.42
C GLY A 134 22.74 17.25 -12.79
N SER A 135 22.87 18.57 -12.83
CA SER A 135 24.04 19.26 -12.26
C SER A 135 24.05 19.16 -10.73
N ALA A 136 22.98 19.62 -10.10
CA ALA A 136 22.86 19.56 -8.65
C ALA A 136 21.85 18.46 -8.34
N PRO A 137 22.35 17.26 -8.02
CA PRO A 137 21.42 16.17 -7.72
C PRO A 137 21.00 16.19 -6.27
N LEU A 138 19.74 15.85 -6.00
CA LEU A 138 19.25 15.82 -4.63
C LEU A 138 19.60 14.48 -4.01
N PHE A 139 20.89 14.26 -3.80
CA PHE A 139 21.42 13.04 -3.22
C PHE A 139 20.80 12.66 -1.88
N SER A 140 20.09 13.60 -1.25
CA SER A 140 19.45 13.32 0.03
C SER A 140 18.42 12.19 -0.09
N THR A 141 17.76 12.13 -1.24
CA THR A 141 16.75 11.11 -1.50
C THR A 141 17.38 9.71 -1.40
N VAL A 142 18.67 9.59 -1.70
CA VAL A 142 19.33 8.30 -1.62
C VAL A 142 19.30 7.80 -0.19
N LEU A 143 19.62 8.69 0.74
CA LEU A 143 19.64 8.36 2.17
C LEU A 143 18.24 7.99 2.66
N LEU A 145 15.70 6.59 0.85
CA LEU A 145 15.21 5.35 0.29
C LEU A 145 16.07 4.13 0.67
N ALA A 146 17.37 4.27 0.51
CA ALA A 146 18.32 3.21 0.81
C ALA A 146 18.45 2.86 2.28
N THR A 147 18.20 3.82 3.18
CA THR A 147 18.31 3.52 4.61
C THR A 147 17.19 2.61 5.11
N PRO A 148 15.94 2.88 4.70
CA PRO A 148 14.85 2.01 5.17
C PRO A 148 15.02 0.60 4.58
N ALA A 149 15.42 0.55 3.30
CA ALA A 149 15.66 -0.71 2.62
C ALA A 149 16.73 -1.52 3.37
N SER A 150 17.74 -0.84 3.88
CA SER A 150 18.80 -1.51 4.63
C SER A 150 18.23 -2.09 5.90
N ILE A 151 17.46 -1.29 6.62
CA ILE A 151 16.85 -1.71 7.86
C ILE A 151 15.82 -2.83 7.72
N ALA A 152 15.08 -2.83 6.62
CA ALA A 152 14.05 -3.84 6.38
C ALA A 152 14.63 -5.24 6.15
N GLY A 153 15.88 -5.29 5.69
CA GLY A 153 16.53 -6.56 5.43
C GLY A 153 16.37 -6.98 3.98
N CYS A 154 16.18 -6.01 3.10
CA CYS A 154 16.01 -6.31 1.70
C CYS A 154 17.30 -6.99 1.22
N LYS A 155 17.15 -8.11 0.50
CA LYS A 155 18.30 -8.87 0.03
C LYS A 155 19.04 -8.15 -1.09
N LYS A 156 18.28 -7.55 -1.99
CA LYS A 156 18.87 -6.83 -3.11
C LYS A 156 18.39 -5.39 -3.08
N VAL A 157 19.34 -4.46 -3.19
CA VAL A 157 19.07 -3.03 -3.21
C VAL A 157 19.91 -2.43 -4.34
N VAL A 158 19.25 -1.95 -5.39
CA VAL A 158 19.98 -1.35 -6.50
C VAL A 158 19.48 0.04 -6.83
N LEU A 159 20.32 0.83 -7.49
CA LEU A 159 19.97 2.21 -7.83
C LEU A 159 20.33 2.61 -9.25
N CYS A 160 19.41 3.29 -9.91
CA CYS A 160 19.65 3.76 -11.26
C CYS A 160 19.65 5.27 -11.22
N SER A 161 20.48 5.88 -12.06
CA SER A 161 20.56 7.33 -12.12
C SER A 161 21.18 7.72 -13.47
N PRO A 162 20.67 8.78 -14.10
CA PRO A 162 21.15 9.29 -15.39
C PRO A 162 22.66 9.54 -15.40
N PRO A 163 23.38 8.96 -16.37
CA PRO A 163 24.83 9.18 -16.42
C PRO A 163 25.12 10.53 -17.07
N PRO A 164 26.19 11.20 -16.66
CA PRO A 164 27.14 10.79 -15.63
C PRO A 164 26.58 11.05 -14.22
N ILE A 165 26.80 10.10 -13.31
CA ILE A 165 26.31 10.21 -11.95
C ILE A 165 27.26 10.94 -11.01
N ALA A 166 26.83 12.11 -10.54
CA ALA A 166 27.63 12.95 -9.63
C ALA A 166 28.21 12.17 -8.46
N ASP A 167 29.35 12.63 -7.96
CA ASP A 167 30.02 11.98 -6.83
C ASP A 167 29.14 11.86 -5.59
N GLU A 168 28.37 12.90 -5.31
CA GLU A 168 27.48 12.90 -4.15
C GLU A 168 26.51 11.73 -4.15
N ILE A 169 25.99 11.35 -5.31
CA ILE A 169 25.06 10.24 -5.40
C ILE A 169 25.81 8.91 -5.16
N LEU A 170 26.96 8.76 -5.80
CA LEU A 170 27.76 7.54 -5.65
C LEU A 170 28.17 7.33 -4.21
N TYR A 171 28.65 8.40 -3.57
CA TYR A 171 29.05 8.31 -2.18
C TYR A 171 27.83 7.95 -1.33
N ALA A 172 26.72 8.63 -1.57
CA ALA A 172 25.49 8.38 -0.82
C ALA A 172 25.09 6.90 -0.91
N ALA A 173 25.01 6.39 -2.13
CA ALA A 173 24.65 5.00 -2.34
C ALA A 173 25.55 4.09 -1.52
N GLN A 174 26.85 4.28 -1.67
CA GLN A 174 27.82 3.47 -0.96
C GLN A 174 27.67 3.55 0.54
N LEU A 175 27.41 4.74 1.06
CA LEU A 175 27.26 4.93 2.50
C LEU A 175 26.05 4.15 3.04
N CYS A 176 24.98 4.07 2.26
CA CYS A 176 23.77 3.37 2.69
C CYS A 176 23.76 1.89 2.29
N GLY A 177 24.86 1.43 1.73
CA GLY A 177 24.98 0.03 1.35
C GLY A 177 24.32 -0.42 0.06
N VAL A 178 23.97 0.50 -0.83
CA VAL A 178 23.36 0.10 -2.10
C VAL A 178 24.37 -0.86 -2.72
N GLN A 179 23.88 -1.97 -3.28
CA GLN A 179 24.78 -2.97 -3.84
C GLN A 179 25.29 -2.64 -5.24
N ASP A 180 24.39 -2.20 -6.10
CA ASP A 180 24.76 -1.87 -7.48
C ASP A 180 24.18 -0.52 -7.90
N VAL A 181 24.96 0.22 -8.69
CA VAL A 181 24.55 1.52 -9.20
C VAL A 181 24.66 1.42 -10.71
N PHE A 182 23.59 1.79 -11.42
CA PHE A 182 23.58 1.69 -12.87
C PHE A 182 23.47 3.02 -13.60
N ASN A 183 24.24 3.14 -14.70
CA ASN A 183 24.26 4.33 -15.53
C ASN A 183 23.07 4.29 -16.49
N VAL A 184 21.89 4.58 -15.96
CA VAL A 184 20.67 4.58 -16.76
C VAL A 184 19.62 5.47 -16.07
N GLY A 185 18.80 6.14 -16.86
CA GLY A 185 17.78 6.99 -16.29
C GLY A 185 16.51 7.02 -17.12
N GLY A 186 15.61 7.94 -16.78
CA GLY A 186 14.37 8.07 -17.51
C GLY A 186 13.47 6.85 -17.50
N ALA A 187 12.55 6.80 -18.45
CA ALA A 187 11.60 5.71 -18.57
C ALA A 187 12.29 4.36 -18.82
N GLN A 188 13.50 4.37 -19.36
CA GLN A 188 14.20 3.11 -19.60
C GLN A 188 14.83 2.54 -18.33
N ALA A 189 15.17 3.40 -17.38
CA ALA A 189 15.75 2.92 -16.13
C ALA A 189 14.66 2.16 -15.38
N ILE A 190 13.45 2.69 -15.40
CA ILE A 190 12.31 2.07 -14.73
C ILE A 190 11.98 0.73 -15.37
N ALA A 191 12.03 0.67 -16.69
CA ALA A 191 11.75 -0.56 -17.40
C ALA A 191 12.81 -1.60 -17.11
N ALA A 192 14.06 -1.14 -16.94
CA ALA A 192 15.16 -2.04 -16.66
C ALA A 192 14.98 -2.70 -15.29
N LEU A 193 14.48 -1.93 -14.32
CA LEU A 193 14.27 -2.46 -12.98
C LEU A 193 13.04 -3.36 -12.93
N ALA A 194 12.01 -3.02 -13.69
CA ALA A 194 10.77 -3.78 -13.70
C ALA A 194 10.89 -5.10 -14.45
N PHE A 195 11.59 -5.09 -15.59
CA PHE A 195 11.77 -6.29 -16.41
C PHE A 195 13.15 -6.91 -16.26
N GLY A 196 14.13 -6.10 -15.90
CA GLY A 196 15.48 -6.62 -15.76
C GLY A 196 16.14 -6.76 -17.12
N THR A 197 17.47 -6.71 -17.14
CA THR A 197 18.23 -6.86 -18.38
C THR A 197 19.44 -7.74 -18.11
N GLU A 198 20.38 -7.78 -19.04
CA GLU A 198 21.56 -8.61 -18.84
C GLU A 198 22.44 -8.02 -17.73
N SER A 199 22.28 -6.73 -17.44
CA SER A 199 23.07 -6.07 -16.41
C SER A 199 22.26 -5.63 -15.20
N VAL A 200 21.05 -5.13 -15.45
CA VAL A 200 20.18 -4.66 -14.37
C VAL A 200 19.24 -5.77 -13.93
N PRO A 201 19.20 -6.05 -12.63
CA PRO A 201 18.32 -7.11 -12.11
C PRO A 201 16.86 -6.70 -12.01
N LYS A 202 15.96 -7.67 -12.22
CA LYS A 202 14.53 -7.40 -12.12
C LYS A 202 14.26 -7.28 -10.61
N VAL A 203 13.53 -6.25 -10.20
CA VAL A 203 13.24 -6.06 -8.77
C VAL A 203 11.75 -6.22 -8.49
N ASP A 204 11.39 -6.36 -7.21
CA ASP A 204 10.00 -6.54 -6.82
C ASP A 204 9.26 -5.23 -6.65
N LYS A 205 9.98 -4.19 -6.26
CA LYS A 205 9.34 -2.88 -6.04
C LYS A 205 10.33 -1.76 -6.35
N ILE A 206 9.83 -0.74 -7.04
CA ILE A 206 10.63 0.42 -7.45
C ILE A 206 10.25 1.68 -6.65
N PHE A 207 11.26 2.39 -6.15
CA PHE A 207 11.02 3.60 -5.36
C PHE A 207 11.70 4.83 -5.95
N GLY A 208 11.18 6.00 -5.60
CA GLY A 208 11.77 7.24 -6.06
C GLY A 208 11.04 8.02 -7.13
N PRO A 209 10.95 9.34 -6.97
CA PRO A 209 10.26 10.22 -7.92
C PRO A 209 11.16 10.69 -9.05
N GLY A 210 10.55 11.24 -10.10
CA GLY A 210 11.29 11.74 -11.23
C GLY A 210 10.41 12.56 -12.16
N ASN A 211 10.92 12.91 -13.34
CA ASN A 211 10.15 13.71 -14.29
C ASN A 211 8.88 13.02 -14.76
N ALA A 212 8.21 13.64 -15.72
CA ALA A 212 6.96 13.12 -16.25
C ALA A 212 7.12 11.72 -16.84
N PHE A 213 8.20 11.49 -17.60
CA PHE A 213 8.44 10.19 -18.21
C PHE A 213 8.68 9.10 -17.16
N VAL A 214 9.46 9.43 -16.13
CA VAL A 214 9.74 8.47 -15.07
C VAL A 214 8.43 8.14 -14.34
N THR A 215 7.65 9.17 -14.07
CA THR A 215 6.38 9.02 -13.38
C THR A 215 5.46 8.12 -14.19
N GLU A 216 5.39 8.36 -15.50
CA GLU A 216 4.54 7.58 -16.41
C GLU A 216 4.99 6.13 -16.56
N ALA A 217 6.30 5.91 -16.54
CA ALA A 217 6.82 4.55 -16.67
C ALA A 217 6.52 3.76 -15.41
N LYS A 218 6.61 4.42 -14.25
CA LYS A 218 6.33 3.76 -12.99
C LYS A 218 4.87 3.34 -12.96
N ARG A 219 3.99 4.26 -13.36
CA ARG A 219 2.57 3.98 -13.39
C ARG A 219 2.32 2.76 -14.28
N GLN A 220 2.91 2.76 -15.46
CA GLN A 220 2.73 1.65 -16.39
C GLN A 220 3.25 0.30 -15.88
N VAL A 221 4.49 0.25 -15.39
CA VAL A 221 5.04 -0.99 -14.88
C VAL A 221 4.31 -1.46 -13.63
N SER A 222 3.63 -0.54 -12.95
CA SER A 222 2.88 -0.89 -11.76
C SER A 222 1.56 -1.51 -12.19
N GLN A 223 1.14 -1.21 -13.43
CA GLN A 223 -0.11 -1.74 -13.98
C GLN A 223 0.09 -2.95 -14.89
N ARG A 224 1.28 -3.56 -14.85
CA ARG A 224 1.58 -4.71 -15.69
C ARG A 224 1.95 -5.93 -14.88
N LEU A 225 1.43 -7.09 -15.29
CA LEU A 225 1.71 -8.34 -14.60
C LEU A 225 3.19 -8.67 -14.70
N ASP A 226 3.80 -8.23 -15.80
CA ASP A 226 5.22 -8.48 -16.05
C ASP A 226 6.12 -7.44 -15.40
N GLY A 227 5.55 -6.29 -15.05
CA GLY A 227 6.32 -5.22 -14.44
C GLY A 227 6.63 -5.42 -12.97
N ALA A 228 6.59 -4.32 -12.21
CA ALA A 228 6.88 -4.39 -10.78
C ALA A 228 6.02 -3.39 -10.01
N ALA A 229 6.00 -3.53 -8.69
CA ALA A 229 5.22 -2.62 -7.87
C ALA A 229 6.01 -1.34 -7.65
N ILE A 230 5.31 -0.26 -7.32
CA ILE A 230 5.95 1.02 -7.08
C ILE A 230 5.57 1.54 -5.70
N ASP A 231 6.38 2.45 -5.18
CA ASP A 231 6.15 3.02 -3.86
C ASP A 231 4.89 3.87 -3.73
N PRO A 233 2.03 6.92 -6.12
CA PRO A 233 1.75 7.78 -7.26
C PRO A 233 2.49 9.09 -7.02
N ALA A 234 2.67 9.88 -8.07
CA ALA A 234 3.36 11.15 -7.91
C ALA A 234 2.39 12.32 -7.93
N GLY A 235 2.94 13.52 -7.75
CA GLY A 235 2.14 14.73 -7.74
C GLY A 235 3.04 15.89 -7.38
N PRO A 236 2.58 17.13 -7.57
CA PRO A 236 3.39 18.32 -7.24
C PRO A 236 3.56 18.39 -5.72
N SER A 237 4.71 18.86 -5.25
CA SER A 237 4.95 18.97 -3.82
C SER A 237 4.05 20.05 -3.21
N GLU A 238 3.82 19.99 -1.90
CA GLU A 238 2.96 21.00 -1.27
C GLU A 238 3.45 21.39 0.12
N VAL A 239 3.19 22.64 0.50
CA VAL A 239 3.52 23.11 1.83
C VAL A 239 2.40 24.03 2.30
N LEU A 240 1.98 23.83 3.54
CA LEU A 240 0.92 24.64 4.13
C LEU A 240 1.41 25.01 5.52
N VAL A 241 1.48 26.32 5.77
CA VAL A 241 1.92 26.84 7.05
C VAL A 241 0.74 27.45 7.80
N ILE A 242 0.61 27.12 9.08
CA ILE A 242 -0.42 27.69 9.92
C ILE A 242 0.40 28.58 10.86
N ALA A 243 0.14 29.88 10.86
CA ALA A 243 0.89 30.79 11.74
C ALA A 243 -0.04 31.70 12.54
N ASP A 244 0.25 31.89 13.81
CA ASP A 244 -0.60 32.76 14.61
C ASP A 244 0.09 34.11 14.77
N SER A 245 -0.45 34.96 15.63
CA SER A 245 0.13 36.28 15.87
C SER A 245 1.53 36.21 16.46
N GLY A 246 1.90 35.06 17.02
CA GLY A 246 3.23 34.96 17.61
C GLY A 246 4.32 34.48 16.65
N ALA A 247 3.94 34.10 15.44
CA ALA A 247 4.92 33.61 14.47
C ALA A 247 5.84 34.72 13.98
N THR A 248 6.94 34.34 13.35
CA THR A 248 7.91 35.29 12.82
C THR A 248 7.81 35.35 11.29
N PRO A 249 7.32 36.47 10.73
CA PRO A 249 7.17 36.63 9.27
C PRO A 249 8.30 36.01 8.46
N ASP A 250 9.54 36.34 8.77
CA ASP A 250 10.67 35.79 8.02
C ASP A 250 10.79 34.27 8.09
N PHE A 251 10.36 33.67 9.19
CA PHE A 251 10.44 32.22 9.31
C PHE A 251 9.41 31.56 8.40
N VAL A 252 8.21 32.13 8.40
CA VAL A 252 7.11 31.62 7.59
C VAL A 252 7.47 31.72 6.12
N ALA A 253 7.98 32.89 5.74
CA ALA A 253 8.36 33.15 4.36
C ALA A 253 9.45 32.18 3.89
N SER A 254 10.45 31.96 4.73
CA SER A 254 11.54 31.06 4.36
C SER A 254 11.08 29.62 4.15
N ASP A 255 9.99 29.22 4.80
CA ASP A 255 9.47 27.86 4.62
C ASP A 255 8.65 27.79 3.34
N LEU A 256 7.88 28.83 3.05
CA LEU A 256 7.09 28.86 1.82
C LEU A 256 8.07 28.87 0.64
N LEU A 257 9.13 29.67 0.73
CA LEU A 257 10.15 29.75 -0.33
C LEU A 257 10.95 28.46 -0.51
N SER A 258 11.18 27.74 0.60
CA SER A 258 11.90 26.47 0.57
C SER A 258 11.12 25.51 -0.33
N GLN A 259 9.82 25.45 -0.12
CA GLN A 259 8.97 24.59 -0.91
C GLN A 259 8.88 25.10 -2.36
N ALA A 260 8.68 26.39 -2.51
CA ALA A 260 8.55 27.00 -3.82
C ALA A 260 9.78 26.82 -4.70
N GLU A 261 10.98 26.91 -4.11
CA GLU A 261 12.22 26.77 -4.88
C GLU A 261 12.44 25.38 -5.47
N HIS A 262 11.62 24.40 -5.10
CA HIS A 262 11.76 23.07 -5.67
C HIS A 262 11.40 23.10 -7.16
N GLY A 263 10.11 23.31 -7.45
CA GLY A 263 9.69 23.35 -8.84
C GLY A 263 8.58 24.36 -9.08
N PRO A 264 8.31 24.70 -10.35
CA PRO A 264 7.26 25.68 -10.69
C PRO A 264 5.82 25.25 -10.36
N ASP A 265 5.60 23.97 -10.09
CA ASP A 265 4.27 23.47 -9.77
C ASP A 265 4.04 23.23 -8.28
N SER A 266 5.00 23.63 -7.46
CA SER A 266 4.87 23.48 -6.01
C SER A 266 3.68 24.28 -5.49
N GLN A 267 2.86 23.67 -4.64
CA GLN A 267 1.70 24.36 -4.04
C GLN A 267 2.18 24.95 -2.71
N VAL A 268 2.03 26.26 -2.55
CA VAL A 268 2.46 26.96 -1.35
C VAL A 268 1.26 27.65 -0.71
N ILE A 269 0.98 27.35 0.55
CA ILE A 269 -0.19 27.92 1.23
C ILE A 269 0.04 28.41 2.66
N LEU A 270 -0.47 29.60 2.97
CA LEU A 270 -0.38 30.16 4.33
C LEU A 270 -1.78 30.36 4.89
N LEU A 271 -1.99 29.94 6.13
CA LEU A 271 -3.27 30.11 6.81
C LEU A 271 -2.99 30.84 8.12
N THR A 272 -3.67 31.95 8.37
CA THR A 272 -3.45 32.72 9.60
C THR A 272 -4.69 33.51 9.98
N PRO A 273 -4.96 33.65 11.28
CA PRO A 273 -6.15 34.41 11.68
C PRO A 273 -5.91 35.92 11.74
N ALA A 274 -4.71 36.35 11.38
CA ALA A 274 -4.33 37.78 11.42
C ALA A 274 -3.92 38.36 10.08
N ALA A 275 -4.71 39.29 9.57
CA ALA A 275 -4.40 39.94 8.29
C ALA A 275 -3.01 40.55 8.37
N ASP A 276 -2.71 41.13 9.52
CA ASP A 276 -1.41 41.74 9.78
C ASP A 276 -0.28 40.76 9.47
N ALA A 278 -0.46 37.96 7.59
CA ALA A 278 -0.46 37.59 6.17
C ALA A 278 0.29 38.65 5.36
N ARG A 279 0.01 39.92 5.65
CA ARG A 279 0.64 41.02 4.95
C ARG A 279 2.15 41.05 5.20
N ARG A 280 2.56 40.85 6.44
CA ARG A 280 3.99 40.83 6.76
C ARG A 280 4.69 39.64 6.10
N VAL A 281 4.02 38.50 6.05
CA VAL A 281 4.62 37.34 5.42
C VAL A 281 4.83 37.61 3.92
N ALA A 282 3.84 38.21 3.27
CA ALA A 282 3.97 38.52 1.85
C ALA A 282 5.20 39.43 1.61
N GLU A 283 5.41 40.40 2.50
CA GLU A 283 6.55 41.33 2.38
C GLU A 283 7.87 40.60 2.59
N ALA A 284 7.91 39.70 3.56
CA ALA A 284 9.12 38.95 3.83
C ALA A 284 9.43 38.02 2.64
N VAL A 285 8.38 37.48 2.03
CA VAL A 285 8.55 36.61 0.88
C VAL A 285 9.18 37.42 -0.23
N GLU A 286 8.68 38.64 -0.42
CA GLU A 286 9.19 39.55 -1.46
C GLU A 286 10.69 39.85 -1.26
N ARG A 287 11.05 40.29 -0.05
CA ARG A 287 12.44 40.59 0.29
C ARG A 287 13.37 39.40 0.09
N GLN A 288 12.99 38.24 0.63
CA GLN A 288 13.81 37.04 0.53
C GLN A 288 13.95 36.56 -0.92
N LEU A 289 12.87 36.68 -1.67
CA LEU A 289 12.88 36.25 -3.06
C LEU A 289 13.99 36.95 -3.87
N ALA A 290 14.09 38.27 -3.70
CA ALA A 290 15.08 39.07 -4.42
C ALA A 290 16.54 38.65 -4.20
N GLU A 291 16.80 37.83 -3.18
CA GLU A 291 18.15 37.37 -2.90
C GLU A 291 18.41 35.94 -3.36
N LEU A 292 17.37 35.22 -3.77
CA LEU A 292 17.57 33.85 -4.21
C LEU A 292 18.12 33.82 -5.63
N PRO A 293 19.23 33.11 -5.82
CA PRO A 293 19.90 33.00 -7.12
C PRO A 293 19.02 32.28 -8.15
N ARG A 294 18.76 31.01 -7.89
CA ARG A 294 17.93 30.21 -8.77
C ARG A 294 16.51 30.43 -8.24
N ALA A 295 15.94 31.60 -8.55
CA ALA A 295 14.62 31.97 -8.07
C ALA A 295 13.56 32.29 -9.13
N GLU A 296 13.74 31.77 -10.34
CA GLU A 296 12.75 32.02 -11.38
C GLU A 296 11.59 31.08 -11.12
N THR A 297 11.92 29.83 -10.82
CA THR A 297 10.91 28.83 -10.53
C THR A 297 10.18 29.14 -9.23
N ALA A 298 10.89 29.63 -8.24
CA ALA A 298 10.26 29.98 -6.97
C ALA A 298 9.16 30.99 -7.23
N ARG A 299 9.46 31.99 -8.05
CA ARG A 299 8.50 33.01 -8.39
C ARG A 299 7.35 32.36 -9.14
N GLN A 300 7.67 31.44 -10.06
CA GLN A 300 6.65 30.75 -10.82
C GLN A 300 5.71 29.93 -9.94
N ALA A 301 6.27 29.28 -8.92
CA ALA A 301 5.48 28.47 -7.99
C ALA A 301 4.55 29.40 -7.21
N LEU A 302 5.09 30.55 -6.83
CA LEU A 302 4.29 31.50 -6.07
C LEU A 302 3.07 32.05 -6.82
N ASN A 303 3.03 31.88 -8.14
CA ASN A 303 1.87 32.36 -8.91
C ASN A 303 0.65 31.56 -8.49
N ALA A 304 0.89 30.37 -7.95
CA ALA A 304 -0.19 29.50 -7.51
C ALA A 304 -0.39 29.52 -6.01
N SER A 305 0.42 30.31 -5.31
CA SER A 305 0.32 30.36 -3.85
C SER A 305 -0.93 31.02 -3.33
N ARG A 306 -1.21 30.76 -2.05
CA ARG A 306 -2.37 31.35 -1.41
C ARG A 306 -2.01 31.81 -0.01
N LEU A 307 -2.25 33.08 0.26
CA LEU A 307 -2.01 33.69 1.56
C LEU A 307 -3.43 33.93 2.04
N ILE A 308 -3.91 33.04 2.91
CA ILE A 308 -5.27 33.11 3.39
C ILE A 308 -5.44 33.52 4.85
N VAL A 309 -6.37 34.46 5.06
CA VAL A 309 -6.67 34.95 6.40
C VAL A 309 -7.98 34.29 6.83
N THR A 310 -7.91 33.55 7.94
CA THR A 310 -9.06 32.85 8.51
C THR A 310 -9.64 33.67 9.65
N LYS A 311 -10.74 33.22 10.24
CA LYS A 311 -11.31 33.96 11.37
C LYS A 311 -10.63 33.59 12.69
N ASP A 312 -10.20 32.34 12.79
CA ASP A 312 -9.53 31.89 13.99
C ASP A 312 -8.65 30.68 13.70
N LEU A 313 -7.94 30.23 14.73
CA LEU A 313 -7.04 29.09 14.61
C LEU A 313 -7.77 27.80 14.27
N ALA A 314 -8.95 27.60 14.85
CA ALA A 314 -9.72 26.39 14.58
C ALA A 314 -9.99 26.32 13.08
N GLN A 315 -10.33 27.45 12.47
CA GLN A 315 -10.61 27.42 11.04
C GLN A 315 -9.36 27.09 10.23
N CYS A 316 -8.19 27.38 10.77
CA CYS A 316 -6.97 27.03 10.05
C CYS A 316 -6.87 25.51 10.04
N VAL A 317 -7.17 24.89 11.19
CA VAL A 317 -7.10 23.45 11.27
C VAL A 317 -8.14 22.80 10.35
N GLU A 318 -9.33 23.39 10.26
CA GLU A 318 -10.38 22.85 9.39
C GLU A 318 -9.96 22.83 7.93
N ILE A 319 -9.44 23.96 7.47
CA ILE A 319 -9.00 24.09 6.08
C ILE A 319 -7.84 23.16 5.77
N SER A 320 -6.91 23.06 6.72
CA SER A 320 -5.75 22.19 6.55
C SER A 320 -6.20 20.74 6.41
N ASN A 321 -7.10 20.29 7.29
CA ASN A 321 -7.58 18.91 7.23
C ASN A 321 -8.32 18.62 5.91
N GLN A 322 -9.03 19.60 5.38
CA GLN A 322 -9.74 19.44 4.13
C GLN A 322 -8.74 19.24 2.99
N TYR A 323 -7.71 20.08 2.97
CA TYR A 323 -6.67 20.04 1.95
C TYR A 323 -5.77 18.81 2.04
N GLY A 324 -5.32 18.48 3.25
CA GLY A 324 -4.44 17.33 3.41
C GLY A 324 -3.09 17.56 2.75
N PRO A 325 -2.36 18.61 3.18
CA PRO A 325 -1.05 18.96 2.65
C PRO A 325 0.07 17.95 2.88
N GLU A 326 0.97 17.86 1.92
CA GLU A 326 2.10 16.96 2.02
C GLU A 326 2.95 17.32 3.26
N HIS A 327 3.22 18.61 3.43
CA HIS A 327 3.98 19.10 4.58
C HIS A 327 3.10 20.12 5.28
N LEU A 328 2.94 20.00 6.59
CA LEU A 328 2.14 20.96 7.36
C LEU A 328 3.09 21.51 8.42
N ILE A 329 3.25 22.83 8.45
CA ILE A 329 4.13 23.46 9.42
C ILE A 329 3.26 24.28 10.34
N ILE A 330 3.34 24.02 11.63
CA ILE A 330 2.51 24.74 12.57
C ILE A 330 3.34 25.70 13.40
N GLN A 331 3.34 26.96 12.98
CA GLN A 331 4.08 27.98 13.71
C GLN A 331 3.12 28.81 14.55
N THR A 332 2.64 28.19 15.63
CA THR A 332 1.71 28.78 16.59
C THR A 332 2.31 28.59 17.97
N ARG A 333 1.78 29.29 18.97
CA ARG A 333 2.33 29.17 20.31
C ARG A 333 2.05 27.88 21.09
N ASN A 334 1.07 27.11 20.64
CA ASN A 334 0.70 25.86 21.30
C ASN A 334 0.63 24.77 20.23
N ALA A 335 1.56 24.82 19.27
CA ALA A 335 1.62 23.87 18.17
C ALA A 335 1.31 22.41 18.53
N ARG A 336 2.04 21.89 19.50
CA ARG A 336 1.90 20.52 19.96
C ARG A 336 0.44 20.10 20.23
N GLU A 337 -0.32 20.93 20.93
CA GLU A 337 -1.71 20.61 21.23
C GLU A 337 -2.60 20.52 20.00
N LEU A 338 -2.21 21.18 18.92
CA LEU A 338 -3.02 21.13 17.69
C LEU A 338 -2.91 19.80 16.96
N VAL A 339 -1.76 19.14 17.12
CA VAL A 339 -1.48 17.86 16.46
C VAL A 339 -2.59 16.83 16.50
N ASP A 340 -3.25 16.70 17.64
CA ASP A 340 -4.33 15.74 17.80
C ASP A 340 -5.51 16.03 16.89
N SER A 341 -5.73 17.31 16.58
CA SER A 341 -6.84 17.70 15.73
C SER A 341 -6.50 17.64 14.25
N ILE A 342 -5.24 17.31 13.93
CA ILE A 342 -4.81 17.19 12.54
C ILE A 342 -5.08 15.77 12.09
N THR A 343 -6.02 15.62 11.15
CA THR A 343 -6.41 14.30 10.67
C THR A 343 -5.78 13.90 9.35
N SER A 344 -5.23 14.87 8.63
CA SER A 344 -4.63 14.55 7.34
C SER A 344 -3.47 15.45 6.92
N ALA A 345 -2.29 14.84 6.85
CA ALA A 345 -1.07 15.53 6.43
C ALA A 345 0.03 14.50 6.25
N GLY A 346 1.01 14.82 5.42
CA GLY A 346 2.11 13.90 5.20
C GLY A 346 3.08 13.94 6.37
N SER A 347 3.72 15.08 6.57
CA SER A 347 4.66 15.23 7.67
C SER A 347 4.34 16.59 8.32
N VAL A 348 4.32 16.61 9.64
CA VAL A 348 4.01 17.81 10.41
C VAL A 348 5.27 18.38 11.07
N PHE A 349 5.43 19.69 11.07
CA PHE A 349 6.58 20.35 11.69
C PHE A 349 6.04 21.31 12.74
N LEU A 350 6.48 21.16 13.98
CA LEU A 350 5.98 21.97 15.09
C LEU A 350 6.91 23.05 15.62
N GLY A 351 6.36 24.24 15.86
CA GLY A 351 7.13 25.35 16.39
C GLY A 351 7.91 26.16 15.37
N ASP A 352 8.62 27.18 15.84
CA ASP A 352 9.42 28.05 14.99
C ASP A 352 10.79 27.51 14.65
N TRP A 353 11.22 26.44 15.32
CA TRP A 353 12.56 25.91 15.06
C TRP A 353 12.56 24.60 14.32
N SER A 354 11.44 24.29 13.68
CA SER A 354 11.30 23.07 12.91
C SER A 354 11.06 23.38 11.44
N PRO A 355 12.06 23.96 10.76
CA PRO A 355 11.91 24.29 9.35
C PRO A 355 11.82 23.04 8.48
N GLU A 356 11.10 23.13 7.38
CA GLU A 356 10.95 22.00 6.48
C GLU A 356 12.33 21.42 6.13
N SER A 357 13.31 22.30 6.00
CA SER A 357 14.69 21.93 5.67
C SER A 357 15.24 20.87 6.61
N ALA A 358 14.88 20.96 7.89
CA ALA A 358 15.33 19.97 8.86
C ALA A 358 14.81 18.59 8.49
N GLY A 359 13.52 18.50 8.19
CA GLY A 359 12.92 17.23 7.80
C GLY A 359 13.43 16.73 6.47
N ASP A 360 13.66 17.62 5.52
CA ASP A 360 14.16 17.18 4.23
C ASP A 360 15.57 16.61 4.37
N TYR A 361 16.29 17.03 5.42
CA TYR A 361 17.68 16.61 5.56
C TYR A 361 18.19 15.78 6.71
N ALA A 362 17.92 16.17 7.96
CA ALA A 362 18.51 15.39 9.04
C ALA A 362 17.75 15.16 10.35
N SER A 363 16.50 15.61 10.44
CA SER A 363 15.76 15.36 11.67
C SER A 363 15.65 13.83 11.80
N GLY A 364 15.56 13.16 10.65
CA GLY A 364 15.45 11.72 10.66
C GLY A 364 14.15 11.18 10.07
N THR A 365 13.17 12.05 9.86
CA THR A 365 11.92 11.59 9.29
C THR A 365 12.17 11.35 7.81
N ASN A 366 11.19 10.83 7.08
CA ASN A 366 11.40 10.59 5.67
C ASN A 366 10.76 11.69 4.85
N HIS A 367 11.50 12.26 3.90
CA HIS A 367 10.95 13.34 3.09
C HIS A 367 10.23 12.84 1.84
N VAL A 368 10.07 11.52 1.74
CA VAL A 368 9.35 10.94 0.61
C VAL A 368 7.96 10.78 1.18
N LEU A 369 7.11 11.73 0.85
CA LEU A 369 5.77 11.78 1.38
C LEU A 369 4.67 11.77 0.34
N PRO A 370 3.44 11.42 0.76
CA PRO A 370 2.29 11.38 -0.15
C PRO A 370 1.85 12.82 -0.41
N THR A 371 1.47 13.12 -1.65
CA THR A 371 1.04 14.46 -1.99
C THR A 371 -0.18 14.41 -2.91
N TYR A 372 -0.59 15.56 -3.43
CA TYR A 372 -1.73 15.62 -4.33
C TYR A 372 -3.02 15.10 -3.67
N GLY A 373 -3.14 15.28 -2.36
CA GLY A 373 -4.33 14.81 -1.66
C GLY A 373 -4.31 13.34 -1.28
N TYR A 374 -3.26 12.63 -1.67
CA TYR A 374 -3.17 11.21 -1.34
C TYR A 374 -2.97 10.96 0.15
N THR A 375 -2.77 12.02 0.91
CA THR A 375 -2.59 11.86 2.35
C THR A 375 -3.86 11.35 2.98
N ALA A 376 -4.91 11.29 2.17
CA ALA A 376 -6.22 10.80 2.62
C ALA A 376 -6.18 9.31 2.97
N THR A 377 -5.36 8.54 2.27
CA THR A 377 -5.27 7.10 2.53
C THR A 377 -3.83 6.58 2.50
N CYS A 378 -2.96 7.30 1.82
CA CYS A 378 -1.55 6.89 1.71
C CYS A 378 -0.72 7.47 2.85
N SER A 379 0.42 6.84 3.12
CA SER A 379 1.26 7.29 4.20
C SER A 379 2.65 7.70 3.75
N SER A 380 3.37 8.35 4.66
CA SER A 380 4.73 8.76 4.41
C SER A 380 5.51 7.49 4.18
N LEU A 381 6.61 7.59 3.46
CA LEU A 381 7.44 6.43 3.23
C LEU A 381 8.01 6.10 4.61
N GLY A 382 8.13 4.81 4.90
CA GLY A 382 8.66 4.37 6.17
C GLY A 382 9.11 2.94 5.99
N LEU A 383 9.46 2.30 7.10
CA LEU A 383 9.91 0.92 7.08
C LEU A 383 8.91 -0.02 6.40
N ALA A 384 7.64 0.19 6.72
CA ALA A 384 6.57 -0.64 6.18
C ALA A 384 6.56 -0.79 4.67
N ASP A 385 6.97 0.24 3.94
CA ASP A 385 6.96 0.19 2.48
C ASP A 385 8.04 -0.72 1.90
N PHE A 386 8.93 -1.22 2.75
CA PHE A 386 10.01 -2.12 2.31
C PHE A 386 9.85 -3.52 2.88
N GLN A 387 8.64 -3.86 3.31
CA GLN A 387 8.39 -5.18 3.85
C GLN A 387 6.92 -5.49 3.71
N LYS A 388 6.51 -6.67 4.18
CA LYS A 388 5.10 -7.06 4.12
C LYS A 388 4.74 -7.90 5.32
N ARG A 389 3.46 -7.84 5.70
CA ARG A 389 2.93 -8.59 6.83
C ARG A 389 2.40 -9.93 6.33
N THR A 391 0.53 -13.54 7.76
CA THR A 391 -0.07 -14.11 8.95
C THR A 391 0.21 -15.60 9.03
N VAL A 392 0.17 -16.13 10.25
CA VAL A 392 0.44 -17.55 10.50
C VAL A 392 -0.53 -18.04 11.57
N GLN A 393 -1.03 -19.25 11.41
CA GLN A 393 -1.93 -19.81 12.39
C GLN A 393 -1.69 -21.29 12.58
N GLU A 394 -1.90 -21.75 13.79
CA GLU A 394 -1.75 -23.14 14.11
C GLU A 394 -2.79 -23.50 15.15
N LEU A 395 -3.69 -24.39 14.79
CA LEU A 395 -4.72 -24.81 15.73
C LEU A 395 -4.32 -26.18 16.28
N SER A 396 -4.35 -26.29 17.61
CA SER A 396 -4.03 -27.56 18.26
C SER A 396 -5.27 -28.43 18.09
N LYS A 397 -5.17 -29.70 18.49
CA LYS A 397 -6.31 -30.59 18.40
C LYS A 397 -7.46 -30.03 19.21
N GLU A 398 -7.16 -29.53 20.41
CA GLU A 398 -8.20 -28.97 21.25
C GLU A 398 -8.81 -27.71 20.62
N GLY A 399 -7.96 -26.78 20.21
CA GLY A 399 -8.44 -25.56 19.59
C GLY A 399 -9.32 -25.84 18.39
N PHE A 400 -8.85 -26.71 17.48
CA PHE A 400 -9.64 -27.05 16.29
C PHE A 400 -10.99 -27.64 16.68
N SER A 401 -10.99 -28.61 17.60
CA SER A 401 -12.24 -29.24 18.03
C SER A 401 -13.20 -28.23 18.63
N ALA A 402 -12.70 -27.22 19.32
CA ALA A 402 -13.57 -26.22 19.93
C ALA A 402 -14.16 -25.26 18.89
N LEU A 403 -13.58 -25.25 17.71
CA LEU A 403 -14.00 -24.35 16.65
C LEU A 403 -14.69 -25.06 15.48
N ALA A 404 -14.54 -26.38 15.44
CA ALA A 404 -15.10 -27.17 14.35
C ALA A 404 -16.55 -26.87 13.98
N SER A 405 -17.41 -26.88 14.98
CA SER A 405 -18.83 -26.66 14.80
C SER A 405 -19.14 -25.30 14.16
N THR A 406 -18.45 -24.29 14.63
CA THR A 406 -18.61 -22.93 14.13
C THR A 406 -18.24 -22.86 12.65
N ILE A 407 -17.11 -23.47 12.31
CA ILE A 407 -16.65 -23.49 10.93
C ILE A 407 -17.61 -24.24 10.01
N GLU A 408 -18.13 -25.38 10.48
CA GLU A 408 -19.08 -26.13 9.65
C GLU A 408 -20.36 -25.33 9.42
N THR A 409 -20.83 -24.68 10.47
CA THR A 409 -22.04 -23.87 10.39
C THR A 409 -21.85 -22.75 9.38
N LEU A 410 -20.70 -22.09 9.43
CA LEU A 410 -20.44 -20.99 8.50
C LEU A 410 -20.26 -21.50 7.08
N ALA A 411 -19.40 -22.50 6.90
CA ALA A 411 -19.17 -23.05 5.58
C ALA A 411 -20.50 -23.52 4.97
N ALA A 412 -21.33 -24.15 5.80
CA ALA A 412 -22.63 -24.64 5.35
C ALA A 412 -23.52 -23.51 4.84
N ALA A 413 -23.50 -22.37 5.53
CA ALA A 413 -24.32 -21.24 5.12
C ALA A 413 -23.85 -20.63 3.80
N GLU A 414 -22.56 -20.77 3.49
CA GLU A 414 -22.03 -20.22 2.25
C GLU A 414 -22.07 -21.28 1.15
N ARG A 415 -22.66 -22.44 1.49
CA ARG A 415 -22.78 -23.54 0.56
C ARG A 415 -21.45 -24.01 0.00
N LEU A 416 -20.44 -24.02 0.86
CA LEU A 416 -19.10 -24.46 0.48
C LEU A 416 -18.87 -25.85 1.08
N THR A 417 -19.43 -26.86 0.41
CA THR A 417 -19.34 -28.24 0.84
C THR A 417 -17.92 -28.74 1.16
N ALA A 418 -17.00 -28.56 0.22
CA ALA A 418 -15.62 -29.00 0.43
C ALA A 418 -15.03 -28.32 1.66
N HIS A 419 -15.38 -27.06 1.87
CA HIS A 419 -14.89 -26.34 3.04
C HIS A 419 -15.42 -27.02 4.29
N LYS A 420 -16.69 -27.40 4.25
CA LYS A 420 -17.30 -28.09 5.39
C LYS A 420 -16.70 -29.50 5.58
N ASN A 421 -16.57 -30.25 4.49
CA ASN A 421 -16.02 -31.60 4.59
C ASN A 421 -14.59 -31.64 5.11
N ALA A 422 -13.82 -30.56 4.95
CA ALA A 422 -12.45 -30.52 5.43
C ALA A 422 -12.46 -30.54 6.95
N VAL A 423 -13.55 -30.06 7.54
CA VAL A 423 -13.68 -30.04 8.99
C VAL A 423 -14.19 -31.40 9.49
N THR A 424 -15.21 -31.93 8.83
CA THR A 424 -15.79 -33.20 9.21
C THR A 424 -14.75 -34.32 9.17
N LEU A 425 -13.91 -34.32 8.12
CA LEU A 425 -12.87 -35.33 8.02
C LEU A 425 -11.97 -35.28 9.26
N ARG A 426 -11.58 -34.07 9.63
CA ARG A 426 -10.71 -33.93 10.80
C ARG A 426 -11.43 -34.25 12.11
N VAL A 427 -12.68 -33.85 12.25
CA VAL A 427 -13.41 -34.15 13.48
C VAL A 427 -13.58 -35.67 13.62
N ASN A 428 -13.85 -36.36 12.52
CA ASN A 428 -14.03 -37.81 12.61
C ASN A 428 -12.72 -38.53 12.97
N ALA A 429 -11.61 -38.03 12.44
CA ALA A 429 -10.30 -38.62 12.70
C ALA A 429 -9.99 -38.49 14.19
N LEU A 430 -10.25 -37.31 14.74
CA LEU A 430 -10.01 -37.08 16.15
C LEU A 430 -10.90 -37.97 17.02
N LYS A 431 -12.16 -38.15 16.63
CA LYS A 431 -13.07 -39.00 17.38
C LYS A 431 -12.56 -40.44 17.47
N GLU A 432 -11.94 -40.92 16.41
CA GLU A 432 -11.42 -42.28 16.40
C GLU A 432 -10.13 -42.47 17.18
N GLN A 433 -9.42 -41.37 17.43
CA GLN A 433 -8.16 -41.43 18.18
C GLN A 433 -8.35 -41.06 19.64
N ALA A 434 -9.52 -40.51 19.95
CA ALA A 434 -9.85 -40.07 21.29
C ALA A 434 -9.91 -41.19 22.31
N SER B 2 -10.02 -37.16 -16.96
CA SER B 2 -9.57 -36.08 -17.82
C SER B 2 -8.55 -35.17 -17.16
N PHE B 3 -7.34 -35.70 -16.93
CA PHE B 3 -6.30 -34.91 -16.30
C PHE B 3 -4.97 -35.63 -16.12
N ASN B 4 -4.11 -35.02 -15.31
CA ASN B 4 -2.78 -35.57 -15.02
C ASN B 4 -2.87 -36.47 -13.82
N THR B 5 -1.70 -36.86 -13.32
CA THR B 5 -1.61 -37.70 -12.13
C THR B 5 -0.62 -37.03 -11.16
N ILE B 6 0.66 -36.98 -11.53
CA ILE B 6 1.72 -36.39 -10.70
C ILE B 6 2.87 -35.88 -11.55
N ILE B 7 3.68 -34.96 -11.01
CA ILE B 7 4.83 -34.43 -11.74
C ILE B 7 6.12 -34.61 -10.94
N ASP B 8 7.13 -35.25 -11.53
CA ASP B 8 8.40 -35.43 -10.83
C ASP B 8 9.26 -34.22 -11.20
N TRP B 9 9.33 -33.28 -10.27
CA TRP B 9 10.07 -32.01 -10.45
C TRP B 9 11.46 -32.09 -11.08
N ASN B 10 12.32 -32.91 -10.50
CA ASN B 10 13.69 -33.03 -11.00
C ASN B 10 13.77 -33.75 -12.33
N SER B 11 12.65 -34.33 -12.77
CA SER B 11 12.60 -35.03 -14.06
C SER B 11 12.27 -34.03 -15.15
N CYS B 12 11.72 -32.88 -14.75
CA CYS B 12 11.39 -31.83 -15.71
C CYS B 12 12.67 -31.09 -16.08
N THR B 13 12.67 -30.45 -17.24
CA THR B 13 13.84 -29.68 -17.68
C THR B 13 13.81 -28.33 -16.96
N ALA B 14 14.95 -27.65 -16.91
CA ALA B 14 15.06 -26.35 -16.26
C ALA B 14 14.02 -25.37 -16.79
N GLU B 15 13.69 -25.49 -18.07
CA GLU B 15 12.72 -24.61 -18.72
C GLU B 15 11.29 -24.94 -18.27
N GLN B 16 10.94 -26.22 -18.29
CA GLN B 16 9.61 -26.64 -17.88
C GLN B 16 9.37 -26.23 -16.43
N GLN B 17 10.39 -26.40 -15.59
CA GLN B 17 10.27 -26.06 -14.18
C GLN B 17 9.94 -24.58 -14.03
N ARG B 18 10.49 -23.74 -14.91
CA ARG B 18 10.21 -22.30 -14.83
C ARG B 18 8.81 -21.95 -15.36
N GLN B 19 8.25 -22.82 -16.20
CA GLN B 19 6.94 -22.56 -16.76
C GLN B 19 5.84 -22.91 -15.79
N LEU B 20 6.14 -23.80 -14.86
CA LEU B 20 5.16 -24.21 -13.85
C LEU B 20 5.02 -23.12 -12.80
N LEU B 21 6.15 -22.59 -12.36
CA LEU B 21 6.15 -21.52 -11.36
C LEU B 21 5.42 -20.27 -11.85
N ARG B 23 2.14 -18.14 -13.44
CA ARG B 23 0.68 -18.09 -13.35
C ARG B 23 0.09 -17.66 -14.70
N PRO B 24 -1.17 -18.04 -14.98
CA PRO B 24 -1.79 -17.66 -16.25
C PRO B 24 -1.77 -16.15 -16.45
N ALA B 25 -2.06 -15.71 -17.67
CA ALA B 25 -2.09 -14.28 -17.98
C ALA B 25 -3.52 -13.81 -18.18
N ILE B 26 -3.80 -12.57 -17.81
CA ILE B 26 -5.13 -11.99 -17.96
C ILE B 26 -5.16 -11.05 -19.17
N SER B 27 -6.32 -10.96 -19.82
CA SER B 27 -6.47 -10.10 -20.99
C SER B 27 -6.60 -8.63 -20.60
N ALA B 28 -7.63 -7.98 -21.14
CA ALA B 28 -7.90 -6.57 -20.86
C ALA B 28 -9.28 -6.26 -21.41
N SER B 29 -9.68 -7.01 -22.44
CA SER B 29 -10.98 -6.83 -23.07
C SER B 29 -11.30 -5.35 -23.26
N GLU B 30 -10.90 -4.80 -24.39
CA GLU B 30 -11.14 -3.39 -24.68
C GLU B 30 -12.61 -3.08 -24.50
N SER B 31 -13.45 -4.11 -24.64
CA SER B 31 -14.90 -3.95 -24.50
C SER B 31 -15.36 -3.73 -23.05
N ILE B 32 -14.94 -4.61 -22.14
CA ILE B 32 -15.34 -4.47 -20.74
C ILE B 32 -14.82 -3.16 -20.16
N THR B 33 -13.61 -2.77 -20.56
CA THR B 33 -13.02 -1.53 -20.06
C THR B 33 -13.88 -0.35 -20.52
N ARG B 34 -14.30 -0.37 -21.78
CA ARG B 34 -15.11 0.72 -22.30
C ARG B 34 -16.50 0.70 -21.67
N THR B 35 -17.04 -0.50 -21.49
CA THR B 35 -18.35 -0.65 -20.86
C THR B 35 -18.29 -0.05 -19.46
N VAL B 36 -17.29 -0.47 -18.68
CA VAL B 36 -17.13 0.04 -17.32
C VAL B 36 -16.84 1.53 -17.31
N ASN B 37 -16.09 2.01 -18.30
CA ASN B 37 -15.80 3.44 -18.37
C ASN B 37 -17.10 4.23 -18.49
N ASP B 38 -17.98 3.82 -19.39
CA ASP B 38 -19.24 4.52 -19.56
C ASP B 38 -20.13 4.42 -18.33
N ILE B 39 -20.03 3.31 -17.61
CA ILE B 39 -20.82 3.09 -16.39
C ILE B 39 -20.41 4.11 -15.32
N LEU B 40 -19.11 4.24 -15.10
CA LEU B 40 -18.60 5.17 -14.10
C LEU B 40 -18.95 6.63 -14.42
N ASP B 41 -18.62 7.09 -15.63
CA ASP B 41 -18.95 8.47 -15.99
C ASP B 41 -20.44 8.71 -15.85
N ASN B 42 -21.25 7.75 -16.28
CA ASN B 42 -22.70 7.89 -16.20
C ASN B 42 -23.16 8.06 -14.75
N VAL B 43 -22.70 7.18 -13.86
CA VAL B 43 -23.09 7.28 -12.47
C VAL B 43 -22.64 8.59 -11.83
N LYS B 44 -21.46 9.09 -12.20
CA LYS B 44 -20.98 10.34 -11.62
C LYS B 44 -21.81 11.54 -12.05
N ALA B 45 -22.14 11.58 -13.34
CA ALA B 45 -22.91 12.68 -13.89
C ALA B 45 -24.42 12.67 -13.58
N ARG B 46 -25.01 11.49 -13.48
CA ARG B 46 -26.46 11.40 -13.24
C ARG B 46 -26.96 10.67 -11.98
N GLY B 47 -26.09 10.49 -10.99
CA GLY B 47 -26.44 9.86 -9.72
C GLY B 47 -27.39 8.67 -9.63
N ASP B 48 -28.28 8.72 -8.64
CA ASP B 48 -29.26 7.66 -8.40
C ASP B 48 -30.15 7.38 -9.60
N GLU B 49 -30.50 8.43 -10.33
CA GLU B 49 -31.33 8.26 -11.52
C GLU B 49 -30.63 7.28 -12.44
N ALA B 50 -29.31 7.44 -12.58
CA ALA B 50 -28.51 6.59 -13.43
C ALA B 50 -28.47 5.16 -12.89
N LEU B 51 -28.36 5.03 -11.56
CA LEU B 51 -28.30 3.71 -10.94
C LEU B 51 -29.62 2.96 -11.16
N ARG B 52 -30.75 3.68 -11.08
CA ARG B 52 -32.04 3.05 -11.28
C ARG B 52 -32.27 2.61 -12.72
N GLU B 53 -31.59 3.26 -13.66
CA GLU B 53 -31.71 2.89 -15.07
C GLU B 53 -31.04 1.54 -15.25
N TYR B 54 -29.91 1.35 -14.58
CA TYR B 54 -29.18 0.08 -14.65
C TYR B 54 -29.96 -0.99 -13.91
N SER B 55 -30.50 -0.62 -12.76
CA SER B 55 -31.28 -1.56 -11.96
C SER B 55 -32.47 -2.02 -12.78
N ALA B 56 -32.98 -1.14 -13.64
CA ALA B 56 -34.12 -1.43 -14.48
C ALA B 56 -33.88 -2.58 -15.46
N LYS B 57 -33.02 -2.34 -16.45
CA LYS B 57 -32.74 -3.39 -17.44
C LYS B 57 -31.99 -4.60 -16.90
N PHE B 58 -31.56 -4.53 -15.64
CA PHE B 58 -30.85 -5.66 -15.06
C PHE B 58 -31.69 -6.41 -14.03
N ASP B 59 -32.94 -5.99 -13.87
CA ASP B 59 -33.85 -6.64 -12.92
C ASP B 59 -35.32 -6.54 -13.28
N LYS B 60 -36.10 -7.49 -12.77
CA LYS B 60 -37.54 -7.55 -13.02
C LYS B 60 -38.29 -6.68 -12.00
N THR B 61 -37.54 -6.08 -11.10
CA THR B 61 -38.12 -5.20 -10.07
C THR B 61 -37.11 -4.09 -9.76
N THR B 62 -37.17 -3.03 -10.57
CA THR B 62 -36.29 -1.88 -10.41
C THR B 62 -36.27 -1.44 -8.95
N VAL B 63 -35.07 -1.22 -8.42
CA VAL B 63 -34.92 -0.78 -7.04
C VAL B 63 -35.51 0.61 -6.86
N THR B 64 -36.12 0.85 -5.69
CA THR B 64 -36.69 2.16 -5.39
C THR B 64 -35.75 2.87 -4.42
N ALA B 65 -35.88 2.55 -3.14
CA ALA B 65 -34.98 3.16 -2.14
C ALA B 65 -33.62 2.46 -2.26
N LEU B 66 -32.56 3.24 -2.36
CA LEU B 66 -31.23 2.66 -2.46
C LEU B 66 -30.74 2.20 -1.10
N LYS B 67 -31.01 2.96 -0.05
CA LYS B 67 -30.55 2.60 1.30
C LYS B 67 -31.46 1.61 1.99
N VAL B 68 -30.91 0.44 2.35
CA VAL B 68 -31.70 -0.57 3.03
C VAL B 68 -32.20 -0.01 4.33
N SER B 69 -33.51 -0.15 4.58
CA SER B 69 -34.12 0.40 5.78
C SER B 69 -33.73 -0.40 7.00
N ALA B 70 -33.82 0.22 8.17
CA ALA B 70 -33.48 -0.45 9.42
C ALA B 70 -34.50 -1.55 9.70
N GLU B 71 -35.70 -1.37 9.15
CA GLU B 71 -36.78 -2.33 9.33
C GLU B 71 -36.51 -3.62 8.57
N GLU B 72 -36.02 -3.49 7.34
CA GLU B 72 -35.72 -4.65 6.50
C GLU B 72 -34.58 -5.45 7.14
N ILE B 73 -33.70 -4.76 7.84
CA ILE B 73 -32.57 -5.38 8.50
C ILE B 73 -33.02 -6.24 9.70
N ALA B 74 -33.86 -5.67 10.56
CA ALA B 74 -34.36 -6.40 11.73
C ALA B 74 -35.18 -7.61 11.30
N ALA B 75 -35.85 -7.50 10.15
CA ALA B 75 -36.65 -8.62 9.64
C ALA B 75 -35.73 -9.74 9.19
N ALA B 76 -34.70 -9.39 8.41
CA ALA B 76 -33.75 -10.39 7.94
C ALA B 76 -33.12 -11.08 9.16
N SER B 77 -32.77 -10.28 10.15
CA SER B 77 -32.16 -10.80 11.37
C SER B 77 -32.98 -11.94 12.01
N GLU B 78 -34.24 -11.68 12.30
CA GLU B 78 -35.11 -12.67 12.91
C GLU B 78 -35.24 -13.98 12.11
N ARG B 79 -35.12 -13.89 10.77
CA ARG B 79 -35.22 -15.06 9.92
C ARG B 79 -34.04 -16.03 9.94
N LEU B 80 -32.91 -15.60 10.51
CA LEU B 80 -31.73 -16.46 10.59
C LEU B 80 -31.78 -17.29 11.86
N SER B 81 -31.19 -18.48 11.84
CA SER B 81 -31.20 -19.35 13.01
C SER B 81 -30.24 -18.88 14.09
N ASP B 82 -30.50 -19.27 15.33
CA ASP B 82 -29.64 -18.88 16.43
C ASP B 82 -28.28 -19.54 16.26
N GLU B 83 -28.27 -20.71 15.64
CA GLU B 83 -27.02 -21.43 15.41
C GLU B 83 -26.07 -20.58 14.59
N LEU B 84 -26.58 -20.08 13.47
CA LEU B 84 -25.81 -19.26 12.55
C LEU B 84 -25.39 -17.91 13.16
N LYS B 85 -26.29 -17.29 13.92
CA LYS B 85 -25.96 -16.01 14.54
C LYS B 85 -24.83 -16.18 15.54
N GLN B 86 -24.88 -17.26 16.31
CA GLN B 86 -23.84 -17.51 17.31
C GLN B 86 -22.52 -17.85 16.65
N ALA B 87 -22.56 -18.53 15.51
CA ALA B 87 -21.34 -18.87 14.80
C ALA B 87 -20.66 -17.59 14.34
N ALA B 89 -20.94 -14.68 15.67
CA ALA B 89 -20.43 -13.97 16.84
C ALA B 89 -19.06 -14.53 17.26
N VAL B 90 -18.86 -15.84 17.09
CA VAL B 90 -17.58 -16.43 17.47
C VAL B 90 -16.53 -15.95 16.48
N ALA B 91 -16.88 -15.97 15.19
CA ALA B 91 -15.97 -15.52 14.14
C ALA B 91 -15.56 -14.07 14.35
N VAL B 92 -16.53 -13.22 14.66
CA VAL B 92 -16.24 -11.81 14.86
C VAL B 92 -15.38 -11.57 16.11
N LYS B 93 -15.63 -12.31 17.17
CA LYS B 93 -14.85 -12.12 18.38
C LYS B 93 -13.38 -12.46 18.13
N ASN B 94 -13.10 -13.56 17.43
CA ASN B 94 -11.72 -13.92 17.17
C ASN B 94 -11.09 -12.99 16.12
N ILE B 95 -11.86 -12.58 15.13
CA ILE B 95 -11.33 -11.67 14.11
C ILE B 95 -10.97 -10.37 14.81
N GLU B 96 -11.83 -9.97 15.74
CA GLU B 96 -11.58 -8.73 16.48
C GLU B 96 -10.33 -8.83 17.35
N THR B 97 -10.16 -9.95 18.05
CA THR B 97 -8.99 -10.12 18.93
C THR B 97 -7.69 -10.09 18.14
N PHE B 98 -7.67 -10.73 16.98
CA PHE B 98 -6.44 -10.74 16.19
C PHE B 98 -6.07 -9.38 15.64
N HIS B 99 -7.03 -8.70 15.03
CA HIS B 99 -6.77 -7.37 14.45
C HIS B 99 -6.50 -6.31 15.50
N THR B 100 -7.13 -6.44 16.66
CA THR B 100 -6.92 -5.49 17.74
C THR B 100 -5.47 -5.59 18.16
N ALA B 101 -4.93 -6.80 18.06
CA ALA B 101 -3.55 -7.08 18.44
C ALA B 101 -2.54 -6.50 17.46
N GLN B 102 -3.00 -5.90 16.38
CA GLN B 102 -2.10 -5.33 15.39
C GLN B 102 -1.92 -3.84 15.55
N LYS B 103 -2.53 -3.25 16.58
CA LYS B 103 -2.41 -1.81 16.83
C LYS B 103 -0.94 -1.44 17.04
N LEU B 104 -0.43 -0.53 16.22
CA LEU B 104 0.96 -0.11 16.31
C LEU B 104 1.32 0.57 17.63
N PRO B 105 2.48 0.20 18.21
CA PRO B 105 2.87 0.84 19.46
C PRO B 105 3.29 2.27 19.08
N PRO B 106 3.21 3.22 20.03
CA PRO B 106 3.60 4.59 19.70
C PRO B 106 5.06 4.71 19.30
N VAL B 107 5.32 5.52 18.29
CA VAL B 107 6.69 5.75 17.83
C VAL B 107 6.99 7.21 18.19
N ASP B 108 7.89 7.37 19.16
CA ASP B 108 8.24 8.69 19.65
C ASP B 108 9.68 8.65 20.11
N VAL B 109 10.59 9.22 19.33
CA VAL B 109 12.00 9.20 19.71
C VAL B 109 12.77 10.48 19.41
N GLU B 110 13.83 10.72 20.18
CA GLU B 110 14.68 11.88 19.97
C GLU B 110 15.91 11.35 19.22
N THR B 111 15.92 11.53 17.90
CA THR B 111 17.04 11.05 17.08
C THR B 111 18.33 11.57 17.73
N GLN B 112 18.25 12.76 18.32
CA GLN B 112 19.33 13.39 19.05
C GLN B 112 18.66 14.42 19.96
N PRO B 113 19.33 14.84 21.05
CA PRO B 113 18.73 15.80 21.97
C PRO B 113 18.00 17.01 21.35
N GLY B 114 16.74 17.18 21.73
CA GLY B 114 15.96 18.29 21.21
C GLY B 114 15.32 18.09 19.85
N VAL B 115 15.56 16.93 19.22
CA VAL B 115 14.98 16.64 17.92
C VAL B 115 14.01 15.47 18.08
N ARG B 116 12.76 15.79 18.41
CA ARG B 116 11.73 14.78 18.64
C ARG B 116 10.96 14.38 17.38
N CYS B 117 11.01 13.09 17.04
CA CYS B 117 10.34 12.55 15.86
C CYS B 117 9.31 11.47 16.23
N GLN B 118 8.10 11.62 15.73
CA GLN B 118 7.05 10.63 15.99
C GLN B 118 6.35 10.15 14.74
N GLN B 119 5.69 9.01 14.88
CA GLN B 119 4.91 8.39 13.84
C GLN B 119 3.59 8.10 14.52
N VAL B 120 2.51 8.72 14.05
CA VAL B 120 1.19 8.47 14.62
C VAL B 120 0.27 7.95 13.53
N THR B 121 -0.81 7.29 13.93
CA THR B 121 -1.72 6.76 12.94
C THR B 121 -3.01 7.55 12.96
N ARG B 122 -3.66 7.60 11.80
CA ARG B 122 -4.93 8.28 11.68
C ARG B 122 -5.72 7.30 10.83
N PRO B 123 -7.00 7.12 11.14
CA PRO B 123 -7.83 6.20 10.38
C PRO B 123 -8.26 6.80 9.05
N VAL B 124 -8.52 5.95 8.06
CA VAL B 124 -9.03 6.44 6.79
C VAL B 124 -10.43 6.85 7.25
N ALA B 125 -10.83 8.08 6.93
CA ALA B 125 -12.11 8.63 7.37
C ALA B 125 -13.38 7.89 6.94
N SER B 126 -13.47 7.53 5.67
CA SER B 126 -14.64 6.83 5.18
C SER B 126 -14.25 5.69 4.25
N VAL B 127 -14.85 4.53 4.46
CA VAL B 127 -14.55 3.37 3.65
C VAL B 127 -15.84 2.72 3.12
N GLY B 128 -15.76 2.19 1.90
CA GLY B 128 -16.90 1.52 1.30
C GLY B 128 -16.59 0.05 1.10
N LEU B 129 -17.51 -0.83 1.46
CA LEU B 129 -17.29 -2.26 1.32
C LEU B 129 -18.23 -2.87 0.29
N TYR B 130 -17.68 -3.72 -0.57
CA TYR B 130 -18.50 -4.34 -1.60
C TYR B 130 -18.61 -5.84 -1.34
N ILE B 131 -19.83 -6.36 -1.41
CA ILE B 131 -20.09 -7.78 -1.21
C ILE B 131 -20.93 -8.31 -2.38
N PRO B 132 -20.40 -9.29 -3.14
CA PRO B 132 -21.18 -9.83 -4.27
C PRO B 132 -22.46 -10.49 -3.76
N GLY B 133 -23.46 -10.61 -4.62
CA GLY B 133 -24.71 -11.24 -4.20
C GLY B 133 -24.85 -12.65 -4.76
N GLY B 134 -26.06 -13.00 -5.17
CA GLY B 134 -26.27 -14.32 -5.74
C GLY B 134 -26.81 -15.41 -4.83
N SER B 135 -26.75 -16.64 -5.34
CA SER B 135 -27.22 -17.81 -4.61
C SER B 135 -26.54 -17.93 -3.25
N ALA B 136 -25.31 -18.44 -3.26
CA ALA B 136 -24.53 -18.60 -2.04
C ALA B 136 -23.86 -17.30 -1.69
N PRO B 137 -24.38 -16.59 -0.67
CA PRO B 137 -23.85 -15.31 -0.20
C PRO B 137 -22.63 -15.47 0.71
N LEU B 138 -21.49 -14.99 0.24
CA LEU B 138 -20.25 -15.08 1.04
C LEU B 138 -20.21 -13.96 2.07
N PHE B 139 -21.18 -13.99 2.98
CA PHE B 139 -21.32 -12.99 4.03
C PHE B 139 -20.11 -12.89 4.97
N SER B 140 -19.26 -13.91 5.00
CA SER B 140 -18.10 -13.88 5.88
C SER B 140 -17.16 -12.72 5.54
N THR B 141 -17.10 -12.33 4.27
CA THR B 141 -16.24 -11.23 3.87
C THR B 141 -16.63 -9.95 4.60
N VAL B 142 -17.93 -9.79 4.84
CA VAL B 142 -18.44 -8.63 5.56
C VAL B 142 -17.73 -8.59 6.92
N LEU B 143 -17.65 -9.75 7.58
CA LEU B 143 -17.01 -9.82 8.90
C LEU B 143 -15.51 -9.45 8.83
N LEU B 145 -14.02 -7.47 6.59
CA LEU B 145 -13.82 -6.07 6.21
C LEU B 145 -14.28 -5.06 7.24
N ALA B 146 -15.53 -5.19 7.69
CA ALA B 146 -16.10 -4.26 8.65
C ALA B 146 -15.45 -4.31 10.04
N THR B 147 -14.96 -5.48 10.43
CA THR B 147 -14.34 -5.62 11.74
C THR B 147 -13.07 -4.79 11.89
N PRO B 148 -12.13 -4.88 10.94
CA PRO B 148 -10.90 -4.09 11.03
C PRO B 148 -11.17 -2.60 10.91
N ALA B 149 -12.16 -2.24 10.09
CA ALA B 149 -12.51 -0.83 9.90
C ALA B 149 -13.02 -0.25 11.22
N SER B 150 -13.86 -1.01 11.92
CA SER B 150 -14.40 -0.59 13.21
C SER B 150 -13.27 -0.38 14.21
N ILE B 151 -12.34 -1.33 14.26
CA ILE B 151 -11.21 -1.23 15.18
C ILE B 151 -10.30 -0.04 14.85
N ALA B 152 -10.15 0.27 13.56
CA ALA B 152 -9.28 1.38 13.15
C ALA B 152 -9.84 2.76 13.51
N GLY B 153 -11.15 2.83 13.69
CA GLY B 153 -11.78 4.09 14.04
C GLY B 153 -12.34 4.85 12.85
N CYS B 154 -12.47 4.18 11.70
CA CYS B 154 -13.01 4.82 10.52
C CYS B 154 -14.33 5.48 10.91
N LYS B 155 -14.54 6.72 10.51
CA LYS B 155 -15.75 7.44 10.88
C LYS B 155 -16.99 7.00 10.12
N LYS B 156 -16.80 6.51 8.91
CA LYS B 156 -17.95 6.07 8.14
C LYS B 156 -17.64 4.75 7.47
N VAL B 157 -18.57 3.81 7.59
CA VAL B 157 -18.45 2.50 6.98
C VAL B 157 -19.77 2.19 6.33
N VAL B 158 -19.77 1.99 5.01
CA VAL B 158 -20.99 1.70 4.29
C VAL B 158 -20.76 0.49 3.40
N LEU B 159 -21.83 -0.14 2.95
CA LEU B 159 -21.69 -1.35 2.14
C LEU B 159 -22.70 -1.43 1.00
N CYS B 160 -22.24 -1.92 -0.15
CA CYS B 160 -23.09 -2.09 -1.31
C CYS B 160 -23.11 -3.56 -1.69
N SER B 161 -24.28 -4.04 -2.11
CA SER B 161 -24.42 -5.42 -2.53
C SER B 161 -25.64 -5.50 -3.44
N PRO B 162 -25.56 -6.30 -4.51
CA PRO B 162 -26.63 -6.49 -5.51
C PRO B 162 -27.96 -6.89 -4.89
N PRO B 163 -29.02 -6.10 -5.11
CA PRO B 163 -30.30 -6.47 -4.53
C PRO B 163 -30.91 -7.64 -5.32
N PRO B 164 -31.73 -8.48 -4.66
CA PRO B 164 -32.11 -8.42 -3.24
C PRO B 164 -30.95 -8.91 -2.37
N ILE B 165 -30.76 -8.28 -1.22
CA ILE B 165 -29.65 -8.62 -0.33
C ILE B 165 -30.02 -9.64 0.74
N ALA B 166 -29.30 -10.76 0.73
CA ALA B 166 -29.51 -11.87 1.67
C ALA B 166 -29.52 -11.43 3.13
N ASP B 167 -30.30 -12.15 3.92
CA ASP B 167 -30.42 -11.86 5.35
C ASP B 167 -29.10 -11.99 6.09
N GLU B 168 -28.24 -12.90 5.61
CA GLU B 168 -26.93 -13.14 6.24
C GLU B 168 -26.01 -11.94 6.09
N ILE B 169 -25.97 -11.36 4.90
CA ILE B 169 -25.14 -10.18 4.65
C ILE B 169 -25.65 -9.05 5.52
N LEU B 170 -26.96 -8.81 5.47
CA LEU B 170 -27.57 -7.75 6.26
C LEU B 170 -27.30 -7.94 7.73
N TYR B 171 -27.39 -9.17 8.22
CA TYR B 171 -27.13 -9.42 9.63
C TYR B 171 -25.64 -9.24 9.91
N ALA B 172 -24.79 -9.73 9.02
CA ALA B 172 -23.35 -9.60 9.23
C ALA B 172 -22.96 -8.13 9.30
N ALA B 173 -23.62 -7.32 8.49
CA ALA B 173 -23.35 -5.89 8.47
C ALA B 173 -23.77 -5.24 9.78
N GLN B 174 -24.97 -5.56 10.24
CA GLN B 174 -25.45 -5.00 11.50
C GLN B 174 -24.52 -5.40 12.64
N LEU B 175 -24.16 -6.68 12.67
CA LEU B 175 -23.29 -7.21 13.73
C LEU B 175 -21.95 -6.49 13.83
N CYS B 176 -21.42 -6.02 12.70
CA CYS B 176 -20.13 -5.35 12.72
C CYS B 176 -20.25 -3.84 12.72
N GLY B 177 -21.48 -3.35 12.86
CA GLY B 177 -21.70 -1.91 12.90
C GLY B 177 -21.70 -1.16 11.59
N VAL B 178 -21.83 -1.86 10.46
CA VAL B 178 -21.88 -1.16 9.19
C VAL B 178 -22.98 -0.13 9.35
N GLN B 179 -22.70 1.12 8.99
CA GLN B 179 -23.68 2.19 9.16
C GLN B 179 -24.79 2.24 8.12
N ASP B 180 -24.43 2.09 6.85
CA ASP B 180 -25.42 2.10 5.78
C ASP B 180 -25.15 1.00 4.77
N VAL B 181 -26.23 0.37 4.30
CA VAL B 181 -26.17 -0.70 3.32
C VAL B 181 -26.99 -0.28 2.11
N PHE B 182 -26.40 -0.34 0.92
CA PHE B 182 -27.09 0.08 -0.29
C PHE B 182 -27.38 -0.97 -1.35
N ASN B 183 -28.57 -0.89 -1.94
CA ASN B 183 -29.00 -1.83 -2.96
C ASN B 183 -28.39 -1.51 -4.32
N VAL B 184 -27.10 -1.77 -4.45
CA VAL B 184 -26.41 -1.53 -5.71
C VAL B 184 -25.32 -2.59 -5.88
N GLY B 185 -25.01 -2.93 -7.13
CA GLY B 185 -23.98 -3.91 -7.37
C GLY B 185 -23.15 -3.62 -8.59
N GLY B 186 -22.21 -4.51 -8.89
CA GLY B 186 -21.37 -4.36 -10.05
C GLY B 186 -20.55 -3.08 -10.13
N ALA B 187 -20.17 -2.74 -11.35
CA ALA B 187 -19.36 -1.57 -11.60
C ALA B 187 -20.07 -0.30 -11.18
N GLN B 188 -21.40 -0.34 -11.07
CA GLN B 188 -22.15 0.84 -10.65
C GLN B 188 -21.97 1.14 -9.17
N ALA B 189 -21.94 0.10 -8.34
CA ALA B 189 -21.76 0.26 -6.90
C ALA B 189 -20.39 0.87 -6.61
N ILE B 190 -19.37 0.37 -7.30
CA ILE B 190 -18.02 0.87 -7.13
C ILE B 190 -18.01 2.35 -7.49
N ALA B 191 -18.69 2.69 -8.59
CA ALA B 191 -18.78 4.08 -9.05
C ALA B 191 -19.51 4.95 -8.02
N ALA B 192 -20.57 4.39 -7.43
CA ALA B 192 -21.37 5.10 -6.44
C ALA B 192 -20.55 5.40 -5.18
N LEU B 193 -19.75 4.44 -4.75
CA LEU B 193 -18.91 4.63 -3.57
C LEU B 193 -17.75 5.59 -3.89
N ALA B 194 -17.18 5.43 -5.07
CA ALA B 194 -16.05 6.24 -5.51
C ALA B 194 -16.39 7.70 -5.80
N PHE B 195 -17.55 7.94 -6.39
CA PHE B 195 -17.97 9.31 -6.75
C PHE B 195 -18.99 9.91 -5.82
N GLY B 196 -19.91 9.08 -5.36
CA GLY B 196 -20.98 9.56 -4.50
C GLY B 196 -22.18 9.90 -5.36
N THR B 197 -23.38 9.73 -4.81
CA THR B 197 -24.63 10.05 -5.50
C THR B 197 -25.47 10.72 -4.44
N GLU B 198 -26.73 11.02 -4.75
CA GLU B 198 -27.60 11.69 -3.79
C GLU B 198 -27.78 10.85 -2.55
N SER B 199 -27.79 9.53 -2.74
CA SER B 199 -27.98 8.57 -1.66
C SER B 199 -26.69 7.97 -1.09
N VAL B 200 -25.77 7.57 -1.98
CA VAL B 200 -24.52 6.94 -1.57
C VAL B 200 -23.37 7.91 -1.28
N PRO B 201 -22.81 7.85 -0.07
CA PRO B 201 -21.71 8.75 0.27
C PRO B 201 -20.42 8.40 -0.47
N LYS B 202 -19.66 9.44 -0.84
CA LYS B 202 -18.38 9.25 -1.50
C LYS B 202 -17.41 8.79 -0.40
N VAL B 203 -16.70 7.69 -0.62
CA VAL B 203 -15.77 7.21 0.40
C VAL B 203 -14.33 7.34 -0.07
N ASP B 204 -13.39 7.35 0.88
CA ASP B 204 -11.97 7.48 0.56
C ASP B 204 -11.34 6.21 0.00
N LYS B 205 -11.80 5.05 0.48
CA LYS B 205 -11.22 3.78 0.04
C LYS B 205 -12.29 2.70 -0.06
N ILE B 206 -12.17 1.86 -1.08
CA ILE B 206 -13.11 0.80 -1.34
C ILE B 206 -12.46 -0.57 -1.16
N PHE B 207 -13.11 -1.43 -0.37
CA PHE B 207 -12.59 -2.77 -0.10
C PHE B 207 -13.59 -3.86 -0.55
N GLY B 208 -13.06 -5.00 -1.00
CA GLY B 208 -13.93 -6.08 -1.41
C GLY B 208 -13.77 -6.54 -2.84
N PRO B 209 -13.55 -7.84 -3.08
CA PRO B 209 -13.39 -8.39 -4.43
C PRO B 209 -14.73 -8.58 -5.13
N GLY B 210 -14.70 -8.82 -6.43
CA GLY B 210 -15.93 -9.00 -7.19
C GLY B 210 -15.67 -9.62 -8.55
N ASN B 211 -16.69 -9.65 -9.42
CA ASN B 211 -16.51 -10.22 -10.74
C ASN B 211 -15.60 -9.34 -11.59
N ALA B 212 -15.48 -9.68 -12.88
CA ALA B 212 -14.63 -8.93 -13.79
C ALA B 212 -14.97 -7.44 -13.88
N PHE B 213 -16.27 -7.11 -13.85
CA PHE B 213 -16.68 -5.71 -13.93
C PHE B 213 -16.41 -4.94 -12.64
N VAL B 214 -16.46 -5.63 -11.51
CA VAL B 214 -16.19 -4.97 -10.23
C VAL B 214 -14.69 -4.69 -10.22
N THR B 215 -13.90 -5.69 -10.59
CA THR B 215 -12.45 -5.55 -10.62
C THR B 215 -12.02 -4.40 -11.52
N GLU B 216 -12.57 -4.35 -12.74
CA GLU B 216 -12.23 -3.27 -13.67
C GLU B 216 -12.64 -1.91 -13.13
N ALA B 217 -13.79 -1.86 -12.47
CA ALA B 217 -14.29 -0.61 -11.91
C ALA B 217 -13.36 -0.16 -10.79
N LYS B 218 -12.94 -1.08 -9.94
CA LYS B 218 -12.03 -0.72 -8.85
C LYS B 218 -10.69 -0.20 -9.41
N ARG B 219 -10.20 -0.84 -10.47
CA ARG B 219 -8.95 -0.42 -11.07
C ARG B 219 -9.10 1.00 -11.60
N GLN B 220 -10.17 1.24 -12.35
CA GLN B 220 -10.39 2.55 -12.92
C GLN B 220 -10.55 3.69 -11.89
N VAL B 221 -11.33 3.48 -10.84
CA VAL B 221 -11.48 4.55 -9.87
C VAL B 221 -10.21 4.80 -9.06
N SER B 222 -9.34 3.79 -8.94
CA SER B 222 -8.10 3.97 -8.19
C SER B 222 -7.11 4.77 -9.01
N GLN B 223 -7.32 4.77 -10.32
CA GLN B 223 -6.47 5.48 -11.28
C GLN B 223 -6.96 6.90 -11.59
N ARG B 224 -8.15 7.25 -11.13
CA ARG B 224 -8.71 8.58 -11.39
C ARG B 224 -8.57 9.47 -10.15
N LEU B 225 -8.31 10.76 -10.36
CA LEU B 225 -8.18 11.71 -9.26
C LEU B 225 -9.49 11.95 -8.54
N ASP B 226 -10.59 11.93 -9.30
CA ASP B 226 -11.92 12.14 -8.71
C ASP B 226 -12.51 10.82 -8.23
N GLY B 227 -11.66 9.80 -8.14
CA GLY B 227 -12.10 8.49 -7.72
C GLY B 227 -11.78 8.19 -6.27
N ALA B 228 -11.32 6.97 -6.00
CA ALA B 228 -10.99 6.57 -4.64
C ALA B 228 -9.91 5.50 -4.65
N ALA B 229 -9.27 5.31 -3.50
CA ALA B 229 -8.24 4.27 -3.39
C ALA B 229 -8.95 2.93 -3.22
N ILE B 230 -8.25 1.83 -3.49
CA ILE B 230 -8.83 0.51 -3.33
C ILE B 230 -7.95 -0.38 -2.45
N ASP B 231 -8.50 -1.45 -1.92
CA ASP B 231 -7.73 -2.32 -1.04
C ASP B 231 -6.57 -3.02 -1.71
N PRO B 233 -5.38 -5.09 -5.88
CA PRO B 233 -5.79 -5.64 -7.17
C PRO B 233 -6.21 -7.10 -6.98
N ALA B 234 -7.08 -7.59 -7.84
CA ALA B 234 -7.54 -8.96 -7.72
C ALA B 234 -6.72 -9.94 -8.53
N GLY B 235 -7.14 -11.20 -8.49
CA GLY B 235 -6.47 -12.25 -9.22
C GLY B 235 -7.04 -13.57 -8.76
N PRO B 236 -6.79 -14.67 -9.49
CA PRO B 236 -7.29 -16.00 -9.13
C PRO B 236 -6.76 -16.42 -7.77
N SER B 237 -7.58 -17.17 -7.02
CA SER B 237 -7.20 -17.64 -5.68
C SER B 237 -6.28 -18.85 -5.78
N GLU B 238 -5.39 -19.02 -4.80
CA GLU B 238 -4.43 -20.12 -4.79
C GLU B 238 -4.15 -20.77 -3.42
N VAL B 239 -3.74 -22.03 -3.45
CA VAL B 239 -3.38 -22.76 -2.24
C VAL B 239 -2.24 -23.68 -2.60
N LEU B 240 -1.20 -23.70 -1.77
CA LEU B 240 -0.07 -24.58 -1.98
C LEU B 240 0.10 -25.37 -0.70
N VAL B 241 0.11 -26.70 -0.82
CA VAL B 241 0.27 -27.52 0.37
C VAL B 241 1.61 -28.22 0.35
N ILE B 242 2.35 -28.14 1.44
CA ILE B 242 3.64 -28.82 1.55
C ILE B 242 3.33 -29.97 2.49
N ALA B 243 3.48 -31.20 2.02
CA ALA B 243 3.18 -32.35 2.86
C ALA B 243 4.29 -33.39 2.82
N ASP B 244 4.65 -33.92 3.99
CA ASP B 244 5.69 -34.95 4.02
C ASP B 244 5.00 -36.30 4.13
N SER B 245 5.77 -37.35 4.37
CA SER B 245 5.22 -38.69 4.45
C SER B 245 4.26 -38.91 5.62
N GLY B 246 4.28 -38.01 6.58
CA GLY B 246 3.41 -38.13 7.74
C GLY B 246 2.01 -37.55 7.57
N ALA B 247 1.76 -36.82 6.48
CA ALA B 247 0.47 -36.21 6.26
C ALA B 247 -0.61 -37.23 5.94
N THR B 248 -1.87 -36.82 6.13
CA THR B 248 -3.03 -37.67 5.85
C THR B 248 -3.54 -37.28 4.48
N PRO B 249 -3.54 -38.23 3.52
CA PRO B 249 -4.02 -37.94 2.15
C PRO B 249 -5.35 -37.21 2.11
N ASP B 250 -6.30 -37.65 2.91
CA ASP B 250 -7.62 -37.04 2.94
C ASP B 250 -7.63 -35.60 3.43
N PHE B 251 -6.73 -35.29 4.36
CA PHE B 251 -6.65 -33.91 4.87
C PHE B 251 -6.09 -33.03 3.76
N VAL B 252 -5.04 -33.51 3.10
CA VAL B 252 -4.41 -32.77 2.02
C VAL B 252 -5.43 -32.52 0.94
N ALA B 253 -6.08 -33.60 0.52
CA ALA B 253 -7.09 -33.53 -0.53
C ALA B 253 -8.25 -32.59 -0.19
N SER B 254 -8.71 -32.63 1.06
CA SER B 254 -9.83 -31.77 1.43
C SER B 254 -9.42 -30.30 1.34
N ASP B 255 -8.14 -30.01 1.56
CA ASP B 255 -7.71 -28.62 1.46
C ASP B 255 -7.59 -28.17 0.01
N LEU B 256 -7.12 -29.07 -0.85
CA LEU B 256 -6.98 -28.75 -2.28
C LEU B 256 -8.36 -28.50 -2.86
N LEU B 257 -9.35 -29.30 -2.44
CA LEU B 257 -10.72 -29.16 -2.93
C LEU B 257 -11.40 -27.92 -2.39
N SER B 258 -11.11 -27.55 -1.15
CA SER B 258 -11.71 -26.35 -0.55
C SER B 258 -11.36 -25.14 -1.40
N GLN B 259 -10.08 -25.02 -1.77
CA GLN B 259 -9.66 -23.90 -2.58
C GLN B 259 -10.22 -24.01 -4.00
N ALA B 260 -10.18 -25.20 -4.57
CA ALA B 260 -10.67 -25.45 -5.92
C ALA B 260 -12.13 -25.09 -6.11
N GLU B 261 -12.96 -25.24 -5.08
CA GLU B 261 -14.38 -24.92 -5.22
C GLU B 261 -14.64 -23.43 -5.12
N HIS B 262 -13.59 -22.63 -4.98
CA HIS B 262 -13.73 -21.17 -4.91
C HIS B 262 -13.82 -20.51 -6.30
N GLY B 263 -13.66 -21.30 -7.36
CA GLY B 263 -13.73 -20.76 -8.70
C GLY B 263 -12.97 -21.59 -9.73
N PRO B 264 -13.45 -21.64 -10.98
CA PRO B 264 -12.79 -22.42 -12.03
C PRO B 264 -11.37 -21.96 -12.33
N ASP B 265 -10.96 -20.83 -11.77
CA ASP B 265 -9.63 -20.31 -12.01
C ASP B 265 -8.64 -20.51 -10.86
N SER B 266 -9.10 -21.08 -9.75
CA SER B 266 -8.24 -21.31 -8.61
C SER B 266 -7.05 -22.19 -8.95
N GLN B 267 -5.90 -21.86 -8.36
CA GLN B 267 -4.67 -22.62 -8.56
C GLN B 267 -4.44 -23.43 -7.29
N VAL B 268 -4.34 -24.74 -7.41
CA VAL B 268 -4.11 -25.58 -6.25
C VAL B 268 -2.85 -26.37 -6.56
N ILE B 269 -1.93 -26.39 -5.59
CA ILE B 269 -0.65 -27.04 -5.75
C ILE B 269 -0.26 -27.85 -4.52
N LEU B 270 0.40 -28.97 -4.76
CA LEU B 270 0.89 -29.83 -3.70
C LEU B 270 2.37 -30.08 -3.95
N LEU B 271 3.20 -29.87 -2.93
CA LEU B 271 4.63 -30.13 -3.04
C LEU B 271 4.95 -31.18 -1.99
N THR B 272 5.43 -32.34 -2.43
CA THR B 272 5.76 -33.39 -1.48
C THR B 272 6.99 -34.18 -1.87
N PRO B 273 7.83 -34.52 -0.88
CA PRO B 273 9.05 -35.29 -1.14
C PRO B 273 8.71 -36.74 -1.47
N ALA B 274 7.51 -37.18 -1.11
CA ALA B 274 7.11 -38.57 -1.35
C ALA B 274 6.19 -38.86 -2.52
N ALA B 275 6.67 -39.63 -3.49
CA ALA B 275 5.87 -39.99 -4.66
C ALA B 275 4.60 -40.72 -4.21
N ASP B 276 4.75 -41.54 -3.17
CA ASP B 276 3.63 -42.30 -2.62
C ASP B 276 2.54 -41.35 -2.11
N ALA B 278 1.99 -38.26 -3.04
CA ALA B 278 1.39 -37.64 -4.21
C ALA B 278 0.31 -38.53 -4.82
N ARG B 279 0.63 -39.82 -4.98
CA ARG B 279 -0.33 -40.75 -5.59
C ARG B 279 -1.58 -40.87 -4.71
N ARG B 280 -1.37 -41.04 -3.41
CA ARG B 280 -2.51 -41.16 -2.50
C ARG B 280 -3.35 -39.89 -2.52
N VAL B 281 -2.72 -38.73 -2.51
CA VAL B 281 -3.50 -37.50 -2.54
C VAL B 281 -4.32 -37.38 -3.82
N ALA B 282 -3.74 -37.76 -4.96
CA ALA B 282 -4.46 -37.69 -6.22
C ALA B 282 -5.73 -38.56 -6.21
N GLU B 283 -5.63 -39.74 -5.61
CA GLU B 283 -6.76 -40.65 -5.53
C GLU B 283 -7.80 -40.16 -4.53
N ALA B 284 -7.34 -39.60 -3.41
CA ALA B 284 -8.26 -39.07 -2.41
C ALA B 284 -9.04 -37.93 -3.04
N VAL B 285 -8.35 -37.10 -3.81
CA VAL B 285 -9.01 -35.98 -4.45
C VAL B 285 -10.09 -36.49 -5.38
N GLU B 286 -9.82 -37.56 -6.12
CA GLU B 286 -10.81 -38.08 -7.05
C GLU B 286 -12.01 -38.64 -6.29
N ARG B 287 -11.74 -39.38 -5.22
CA ARG B 287 -12.81 -39.95 -4.43
C ARG B 287 -13.66 -38.88 -3.76
N GLN B 288 -13.03 -37.86 -3.20
CA GLN B 288 -13.80 -36.80 -2.54
C GLN B 288 -14.57 -35.98 -3.55
N LEU B 289 -13.96 -35.73 -4.70
CA LEU B 289 -14.62 -34.93 -5.72
C LEU B 289 -15.97 -35.58 -6.11
N ALA B 290 -15.99 -36.90 -6.13
CA ALA B 290 -17.20 -37.64 -6.50
C ALA B 290 -18.37 -37.44 -5.53
N GLU B 291 -18.08 -36.93 -4.34
CA GLU B 291 -19.12 -36.69 -3.34
C GLU B 291 -19.55 -35.23 -3.25
N LEU B 292 -18.89 -34.37 -4.00
CA LEU B 292 -19.24 -32.96 -3.97
C LEU B 292 -20.48 -32.67 -4.80
N PRO B 293 -21.51 -32.11 -4.17
CA PRO B 293 -22.77 -31.78 -4.83
C PRO B 293 -22.57 -31.14 -6.21
N ARG B 294 -22.16 -29.88 -6.21
CA ARG B 294 -21.95 -29.15 -7.45
C ARG B 294 -20.46 -28.92 -7.62
N ALA B 295 -19.76 -29.95 -8.08
CA ALA B 295 -18.32 -29.89 -8.25
C ALA B 295 -17.80 -29.56 -9.64
N GLU B 296 -18.64 -29.01 -10.52
CA GLU B 296 -18.16 -28.67 -11.85
C GLU B 296 -17.05 -27.63 -11.71
N THR B 297 -17.28 -26.67 -10.81
CA THR B 297 -16.27 -25.63 -10.56
C THR B 297 -14.98 -26.27 -10.07
N ALA B 298 -15.07 -27.03 -8.98
CA ALA B 298 -13.91 -27.69 -8.40
C ALA B 298 -13.20 -28.56 -9.44
N ARG B 299 -13.98 -29.26 -10.25
CA ARG B 299 -13.46 -30.11 -11.30
C ARG B 299 -12.60 -29.33 -12.31
N GLN B 300 -13.15 -28.26 -12.87
CA GLN B 300 -12.41 -27.47 -13.84
C GLN B 300 -11.12 -26.85 -13.27
N ALA B 301 -11.20 -26.41 -12.01
CA ALA B 301 -10.04 -25.82 -11.34
C ALA B 301 -8.93 -26.85 -11.22
N LEU B 302 -9.30 -28.10 -10.93
CA LEU B 302 -8.31 -29.16 -10.78
C LEU B 302 -7.54 -29.49 -12.07
N ASN B 303 -8.06 -29.09 -13.22
CA ASN B 303 -7.36 -29.37 -14.47
C ASN B 303 -6.05 -28.60 -14.58
N ALA B 304 -5.95 -27.51 -13.82
CA ALA B 304 -4.74 -26.71 -13.80
C ALA B 304 -3.96 -26.95 -12.51
N SER B 305 -4.37 -27.96 -11.73
CA SER B 305 -3.67 -28.25 -10.48
C SER B 305 -2.31 -28.89 -10.77
N ARG B 306 -1.42 -28.85 -9.80
CA ARG B 306 -0.09 -29.42 -9.95
C ARG B 306 0.31 -30.13 -8.65
N LEU B 307 0.48 -31.45 -8.75
CA LEU B 307 0.87 -32.33 -7.65
C LEU B 307 2.31 -32.70 -7.97
N ILE B 308 3.23 -31.98 -7.34
CA ILE B 308 4.65 -32.12 -7.60
C ILE B 308 5.43 -32.88 -6.55
N VAL B 309 6.21 -33.85 -7.02
CA VAL B 309 7.06 -34.67 -6.16
C VAL B 309 8.44 -34.01 -6.23
N THR B 310 9.01 -33.65 -5.08
CA THR B 310 10.31 -33.02 -5.04
C THR B 310 11.37 -33.92 -4.42
N LYS B 311 12.59 -33.39 -4.27
CA LYS B 311 13.68 -34.15 -3.68
C LYS B 311 13.59 -34.23 -2.16
N ASP B 312 13.18 -33.14 -1.53
CA ASP B 312 13.05 -33.07 -0.08
C ASP B 312 12.29 -31.81 0.32
N LEU B 313 12.10 -31.61 1.62
CA LEU B 313 11.37 -30.43 2.08
C LEU B 313 12.05 -29.13 1.73
N ALA B 314 13.39 -29.14 1.68
CA ALA B 314 14.14 -27.93 1.34
C ALA B 314 13.74 -27.46 -0.06
N GLN B 315 13.64 -28.39 -1.01
CA GLN B 315 13.24 -28.03 -2.37
C GLN B 315 11.77 -27.65 -2.41
N CYS B 316 11.01 -28.08 -1.39
CA CYS B 316 9.59 -27.72 -1.33
C CYS B 316 9.53 -26.25 -0.97
N VAL B 317 10.32 -25.86 0.04
CA VAL B 317 10.37 -24.48 0.49
C VAL B 317 10.94 -23.54 -0.58
N GLU B 318 11.94 -24.00 -1.31
CA GLU B 318 12.54 -23.19 -2.36
C GLU B 318 11.50 -22.89 -3.42
N ILE B 319 10.73 -23.91 -3.79
CA ILE B 319 9.69 -23.75 -4.81
C ILE B 319 8.56 -22.88 -4.31
N SER B 320 8.13 -23.08 -3.07
CA SER B 320 7.06 -22.28 -2.52
C SER B 320 7.45 -20.81 -2.46
N ASN B 321 8.66 -20.51 -1.99
CA ASN B 321 9.07 -19.11 -1.92
C ASN B 321 9.10 -18.47 -3.33
N GLN B 322 9.58 -19.19 -4.34
CA GLN B 322 9.59 -18.65 -5.70
C GLN B 322 8.16 -18.34 -6.16
N TYR B 323 7.22 -19.20 -5.79
CA TYR B 323 5.81 -19.03 -6.17
C TYR B 323 5.11 -17.94 -5.36
N GLY B 324 5.31 -17.96 -4.03
CA GLY B 324 4.65 -16.98 -3.18
C GLY B 324 3.14 -17.19 -3.21
N PRO B 325 2.65 -18.35 -2.74
CA PRO B 325 1.22 -18.66 -2.73
C PRO B 325 0.38 -17.83 -1.79
N GLU B 326 -0.85 -17.56 -2.20
CA GLU B 326 -1.78 -16.81 -1.36
C GLU B 326 -1.97 -17.54 -0.03
N HIS B 327 -2.28 -18.83 -0.10
CA HIS B 327 -2.47 -19.65 1.10
C HIS B 327 -1.39 -20.74 1.13
N LEU B 328 -0.64 -20.85 2.23
CA LEU B 328 0.38 -21.89 2.35
C LEU B 328 0.01 -22.80 3.51
N ILE B 329 -0.20 -24.08 3.21
CA ILE B 329 -0.53 -25.05 4.23
C ILE B 329 0.64 -26.00 4.40
N ILE B 330 1.14 -26.11 5.63
CA ILE B 330 2.29 -26.95 5.93
C ILE B 330 1.93 -28.16 6.75
N GLN B 331 1.75 -29.30 6.08
CA GLN B 331 1.41 -30.54 6.76
C GLN B 331 2.62 -31.46 6.81
N THR B 332 3.60 -31.07 7.61
CA THR B 332 4.83 -31.85 7.79
C THR B 332 5.08 -32.02 9.28
N ARG B 333 5.98 -32.94 9.61
CA ARG B 333 6.32 -33.22 10.99
C ARG B 333 6.82 -31.99 11.75
N ASN B 334 7.67 -31.20 11.12
CA ASN B 334 8.25 -30.01 11.73
C ASN B 334 7.68 -28.72 11.15
N ALA B 335 6.36 -28.66 10.96
CA ALA B 335 5.72 -27.51 10.36
C ALA B 335 6.20 -26.13 10.82
N ARG B 336 6.08 -25.84 12.10
CA ARG B 336 6.51 -24.53 12.59
C ARG B 336 7.97 -24.22 12.29
N GLU B 337 8.82 -25.23 12.31
CA GLU B 337 10.24 -25.01 12.02
C GLU B 337 10.47 -24.39 10.64
N LEU B 338 9.63 -24.76 9.68
CA LEU B 338 9.77 -24.23 8.33
C LEU B 338 9.37 -22.78 8.16
N VAL B 339 8.40 -22.32 8.93
CA VAL B 339 7.92 -20.95 8.84
C VAL B 339 9.03 -19.92 8.62
N ASP B 340 10.08 -19.99 9.42
CA ASP B 340 11.19 -19.06 9.31
C ASP B 340 11.78 -18.99 7.90
N SER B 341 11.83 -20.14 7.24
CA SER B 341 12.37 -20.23 5.89
C SER B 341 11.36 -19.75 4.83
N ILE B 342 10.14 -19.49 5.28
CA ILE B 342 9.10 -19.03 4.36
C ILE B 342 9.23 -17.52 4.22
N THR B 343 9.75 -17.11 3.07
CA THR B 343 9.96 -15.69 2.80
C THR B 343 8.78 -15.02 2.12
N SER B 344 7.89 -15.80 1.51
CA SER B 344 6.75 -15.25 0.81
C SER B 344 5.50 -16.14 0.76
N ALA B 345 4.40 -15.62 1.29
CA ALA B 345 3.11 -16.30 1.33
C ALA B 345 2.11 -15.35 1.96
N GLY B 346 0.83 -15.49 1.61
CA GLY B 346 -0.19 -14.62 2.18
C GLY B 346 -0.51 -14.97 3.62
N SER B 347 -0.91 -16.23 3.83
CA SER B 347 -1.24 -16.70 5.17
C SER B 347 -0.79 -18.16 5.30
N VAL B 348 -0.10 -18.47 6.38
CA VAL B 348 0.40 -19.81 6.61
C VAL B 348 -0.42 -20.62 7.63
N PHE B 349 -0.69 -21.88 7.31
CA PHE B 349 -1.46 -22.77 8.18
C PHE B 349 -0.57 -23.95 8.60
N LEU B 350 -0.45 -24.18 9.90
CA LEU B 350 0.44 -25.24 10.38
C LEU B 350 -0.20 -26.49 10.98
N GLY B 351 0.29 -27.65 10.55
CA GLY B 351 -0.20 -28.91 11.09
C GLY B 351 -1.46 -29.47 10.47
N ASP B 352 -1.82 -30.67 10.92
CA ASP B 352 -3.00 -31.37 10.44
C ASP B 352 -4.34 -30.76 10.86
N TRP B 353 -4.36 -29.96 11.92
CA TRP B 353 -5.63 -29.41 12.39
C TRP B 353 -5.88 -27.96 12.04
N SER B 354 -5.17 -27.44 11.06
CA SER B 354 -5.33 -26.05 10.64
C SER B 354 -5.81 -25.96 9.20
N PRO B 355 -7.08 -26.33 8.94
CA PRO B 355 -7.59 -26.27 7.57
C PRO B 355 -7.75 -24.85 7.07
N GLU B 356 -7.61 -24.66 5.76
CA GLU B 356 -7.78 -23.34 5.18
C GLU B 356 -9.12 -22.79 5.66
N SER B 357 -10.09 -23.70 5.72
CA SER B 357 -11.46 -23.42 6.16
C SER B 357 -11.51 -22.73 7.52
N ALA B 358 -10.62 -23.10 8.43
CA ALA B 358 -10.60 -22.50 9.76
C ALA B 358 -10.20 -21.04 9.67
N GLY B 359 -9.31 -20.71 8.74
CA GLY B 359 -8.88 -19.32 8.57
C GLY B 359 -9.88 -18.49 7.79
N ASP B 360 -10.57 -19.10 6.82
CA ASP B 360 -11.56 -18.35 6.05
C ASP B 360 -12.69 -17.86 6.96
N TYR B 361 -13.02 -18.64 7.98
CA TYR B 361 -14.14 -18.35 8.86
C TYR B 361 -14.01 -17.95 10.31
N ALA B 362 -13.13 -18.57 11.09
CA ALA B 362 -13.10 -18.25 12.51
C ALA B 362 -11.82 -18.25 13.33
N SER B 363 -10.66 -18.51 12.73
CA SER B 363 -9.45 -18.50 13.55
C SER B 363 -9.20 -17.08 14.03
N GLY B 364 -9.56 -16.10 13.20
CA GLY B 364 -9.35 -14.71 13.55
C GLY B 364 -8.51 -13.97 12.52
N THR B 365 -7.77 -14.71 11.69
CA THR B 365 -6.94 -14.06 10.67
C THR B 365 -7.86 -13.56 9.56
N ASN B 366 -7.35 -12.68 8.70
CA ASN B 366 -8.15 -12.15 7.61
C ASN B 366 -8.00 -13.05 6.37
N HIS B 367 -9.12 -13.34 5.70
CA HIS B 367 -9.06 -14.19 4.52
C HIS B 367 -8.96 -13.38 3.21
N VAL B 368 -8.89 -12.05 3.35
CA VAL B 368 -8.74 -11.17 2.18
C VAL B 368 -7.23 -11.09 2.05
N LEU B 369 -6.67 -11.83 1.09
CA LEU B 369 -5.22 -11.87 0.94
C LEU B 369 -4.70 -11.60 -0.45
N PRO B 370 -3.41 -11.24 -0.55
CA PRO B 370 -2.82 -10.96 -1.85
C PRO B 370 -2.70 -12.29 -2.62
N THR B 371 -2.89 -12.23 -3.93
CA THR B 371 -2.79 -13.42 -4.75
C THR B 371 -2.20 -13.02 -6.10
N TYR B 372 -2.12 -13.97 -7.02
CA TYR B 372 -1.59 -13.71 -8.35
C TYR B 372 -0.15 -13.19 -8.29
N GLY B 373 0.57 -13.53 -7.23
CA GLY B 373 1.95 -13.12 -7.09
C GLY B 373 2.17 -11.85 -6.26
N TYR B 374 1.12 -11.08 -6.04
CA TYR B 374 1.25 -9.84 -5.26
C TYR B 374 1.78 -10.09 -3.85
N THR B 375 1.97 -11.34 -3.49
CA THR B 375 2.50 -11.71 -2.18
C THR B 375 3.96 -11.24 -2.11
N ALA B 376 4.51 -10.88 -3.27
CA ALA B 376 5.89 -10.42 -3.34
C ALA B 376 6.08 -9.05 -2.70
N THR B 377 5.02 -8.23 -2.70
CA THR B 377 5.10 -6.89 -2.16
C THR B 377 3.94 -6.47 -1.27
N CYS B 378 2.77 -7.06 -1.47
CA CYS B 378 1.60 -6.70 -0.68
C CYS B 378 1.37 -7.64 0.51
N SER B 379 0.59 -7.20 1.48
CA SER B 379 0.35 -8.00 2.68
C SER B 379 -1.09 -8.42 2.84
N SER B 380 -1.31 -9.30 3.82
CA SER B 380 -2.65 -9.74 4.13
C SER B 380 -3.42 -8.49 4.57
N LEU B 381 -4.72 -8.46 4.28
CA LEU B 381 -5.51 -7.33 4.73
C LEU B 381 -5.42 -7.30 6.26
N GLY B 382 -5.18 -6.13 6.81
CA GLY B 382 -5.07 -6.01 8.24
C GLY B 382 -5.48 -4.63 8.68
N LEU B 383 -5.23 -4.33 9.94
CA LEU B 383 -5.56 -3.04 10.53
C LEU B 383 -4.94 -1.87 9.76
N ALA B 384 -3.69 -2.04 9.34
CA ALA B 384 -2.96 -1.01 8.63
C ALA B 384 -3.65 -0.51 7.37
N ASP B 385 -4.48 -1.34 6.75
CA ASP B 385 -5.16 -0.93 5.53
C ASP B 385 -6.33 0.03 5.77
N PHE B 386 -6.71 0.18 7.03
CA PHE B 386 -7.80 1.09 7.35
C PHE B 386 -7.26 2.34 8.06
N GLN B 387 -5.94 2.53 7.97
CA GLN B 387 -5.26 3.66 8.62
C GLN B 387 -4.20 4.27 7.71
N LYS B 388 -3.58 5.32 8.23
CA LYS B 388 -2.51 6.06 7.55
C LYS B 388 -1.46 6.44 8.61
N ARG B 389 -0.18 6.39 8.23
CA ARG B 389 0.90 6.75 9.12
C ARG B 389 1.27 8.20 8.79
N THR B 391 3.79 11.54 9.97
CA THR B 391 5.02 11.90 10.66
C THR B 391 4.93 13.26 11.34
N VAL B 392 5.57 13.38 12.49
CA VAL B 392 5.58 14.64 13.24
C VAL B 392 6.96 14.86 13.84
N GLN B 393 7.44 16.09 13.79
CA GLN B 393 8.73 16.40 14.38
C GLN B 393 8.70 17.79 14.98
N GLU B 394 9.50 17.97 16.03
CA GLU B 394 9.61 19.24 16.71
C GLU B 394 11.03 19.36 17.24
N LEU B 395 11.74 20.38 16.79
CA LEU B 395 13.10 20.59 17.29
C LEU B 395 13.03 21.74 18.27
N SER B 396 13.74 21.63 19.38
CA SER B 396 13.76 22.73 20.33
C SER B 396 14.87 23.63 19.82
N LYS B 397 15.01 24.79 20.44
CA LYS B 397 16.06 25.73 20.04
C LYS B 397 17.40 25.02 20.13
N GLU B 398 17.60 24.31 21.24
CA GLU B 398 18.85 23.58 21.45
C GLU B 398 19.01 22.51 20.40
N GLY B 399 17.95 21.73 20.17
CA GLY B 399 18.01 20.66 19.18
C GLY B 399 18.26 21.22 17.81
N PHE B 400 17.54 22.29 17.48
CA PHE B 400 17.70 22.93 16.18
C PHE B 400 19.11 23.48 16.00
N SER B 401 19.60 24.17 17.02
CA SER B 401 20.94 24.76 16.94
C SER B 401 22.04 23.75 16.67
N ALA B 402 21.95 22.58 17.30
CA ALA B 402 22.98 21.56 17.11
C ALA B 402 22.95 20.88 15.76
N LEU B 403 21.84 21.04 15.05
CA LEU B 403 21.66 20.38 13.76
C LEU B 403 21.77 21.34 12.59
N ALA B 404 21.78 22.64 12.90
CA ALA B 404 21.84 23.66 11.86
C ALA B 404 22.95 23.55 10.83
N SER B 405 24.19 23.42 11.28
CA SER B 405 25.33 23.34 10.35
C SER B 405 25.20 22.17 9.39
N THR B 406 24.68 21.06 9.88
CA THR B 406 24.50 19.88 9.05
C THR B 406 23.49 20.17 7.94
N ILE B 407 22.37 20.77 8.32
CA ILE B 407 21.33 21.09 7.35
C ILE B 407 21.82 22.05 6.29
N GLU B 408 22.52 23.11 6.70
CA GLU B 408 23.04 24.10 5.74
C GLU B 408 24.00 23.48 4.74
N THR B 409 24.91 22.66 5.25
CA THR B 409 25.88 21.99 4.41
C THR B 409 25.17 21.16 3.35
N LEU B 410 24.25 20.30 3.77
CA LEU B 410 23.52 19.46 2.82
C LEU B 410 22.70 20.29 1.84
N ALA B 411 21.97 21.28 2.35
CA ALA B 411 21.15 22.12 1.50
C ALA B 411 22.03 22.82 0.48
N ALA B 412 23.19 23.31 0.94
CA ALA B 412 24.15 23.99 0.07
C ALA B 412 24.67 23.01 -0.96
N ALA B 413 24.88 21.77 -0.56
CA ALA B 413 25.39 20.75 -1.48
C ALA B 413 24.38 20.47 -2.59
N GLU B 414 23.09 20.57 -2.28
CA GLU B 414 22.04 20.32 -3.28
C GLU B 414 21.72 21.59 -4.05
N ARG B 415 22.40 22.68 -3.71
CA ARG B 415 22.21 23.98 -4.36
C ARG B 415 20.79 24.51 -4.19
N LEU B 416 20.26 24.36 -2.99
CA LEU B 416 18.92 24.83 -2.67
C LEU B 416 19.12 25.90 -1.61
N THR B 417 19.41 27.10 -2.09
CA THR B 417 19.67 28.26 -1.24
C THR B 417 18.55 28.60 -0.27
N ALA B 418 17.30 28.54 -0.72
CA ALA B 418 16.19 28.87 0.16
C ALA B 418 16.11 27.92 1.35
N HIS B 419 16.46 26.66 1.15
CA HIS B 419 16.43 25.67 2.22
C HIS B 419 17.49 26.03 3.23
N LYS B 420 18.62 26.49 2.72
CA LYS B 420 19.74 26.88 3.56
C LYS B 420 19.37 28.16 4.29
N ASN B 421 18.76 29.09 3.57
CA ASN B 421 18.37 30.37 4.16
C ASN B 421 17.37 30.24 5.29
N ALA B 422 16.54 29.21 5.23
CA ALA B 422 15.56 28.99 6.28
C ALA B 422 16.24 28.63 7.60
N VAL B 423 17.43 28.05 7.52
CA VAL B 423 18.18 27.68 8.73
C VAL B 423 18.94 28.90 9.23
N THR B 424 19.64 29.58 8.33
CA THR B 424 20.43 30.77 8.66
C THR B 424 19.62 31.83 9.41
N LEU B 425 18.42 32.12 8.92
CA LEU B 425 17.55 33.13 9.54
C LEU B 425 17.26 32.76 10.99
N ARG B 426 16.99 31.49 11.22
CA ARG B 426 16.68 31.03 12.57
C ARG B 426 17.90 31.09 13.47
N VAL B 427 19.07 30.76 12.91
CA VAL B 427 20.32 30.80 13.67
C VAL B 427 20.65 32.23 14.08
N ASN B 428 20.46 33.19 13.18
CA ASN B 428 20.77 34.57 13.52
C ASN B 428 19.79 35.12 14.54
N ALA B 429 18.54 34.69 14.43
CA ALA B 429 17.51 35.14 15.36
C ALA B 429 17.86 34.67 16.77
N LEU B 430 18.40 33.45 16.87
CA LEU B 430 18.78 32.90 18.18
C LEU B 430 19.99 33.61 18.78
N LYS B 431 20.95 34.00 17.94
CA LYS B 431 22.13 34.72 18.45
C LYS B 431 21.62 36.03 19.06
N GLU B 432 20.83 36.74 18.25
CA GLU B 432 20.25 38.01 18.64
C GLU B 432 19.55 37.92 19.98
N GLN B 433 18.41 37.23 20.01
CA GLN B 433 17.60 37.06 21.21
C GLN B 433 18.41 36.79 22.47
N ALA B 434 19.57 36.17 22.32
CA ALA B 434 20.44 35.84 23.45
C ALA B 434 21.81 35.37 22.99
#